data_7AE9
#
_entry.id   7AE9
#
_cell.length_a   101.250
_cell.length_b   204.543
_cell.length_c   73.258
_cell.angle_alpha   90.000
_cell.angle_beta   90.000
_cell.angle_gamma   90.000
#
_symmetry.space_group_name_H-M   'P 21 21 2'
#
loop_
_entity.id
_entity.type
_entity.pdbx_description
1 polymer 'HEPN toxin'
2 polymer 'MNT ANTITOXIN'
3 non-polymer "2',3'-DIDEOXYADENOSINE-5'-MONOPHOSPHATE"
4 water water
#
loop_
_entity_poly.entity_id
_entity_poly.type
_entity_poly.pdbx_seq_one_letter_code
_entity_poly.pdbx_strand_id
1 'polypeptide(L)'
;MTNIEPVIIETRLELIGRYLDHLKKFENISLDDYLSSFEQQLITEELLQLITQAAIDINDHILSKLKSGKSYTNFEAFIE
LGKYQILTPELAKQIAPSSGLRNRLVHEYDDIDPNQVFMAISFALQQYPLYVRQINSYLITLEEENDLESGHHHHHH
;
A,B,C,D
2 'polypeptide(L)'
;MQDKIPTIAELRELSLRLLTKIPYLKMLVLFGSRATGNINANSDWDFAVLYDEEKYNLYIQNNPLAAFVIPGILGEIFKI
NSDKIDIVELNHCSKLIAHFVARDGKVLYEEPGDEFDKFQQRVLLSNTEIKKIEKTKLENIENFLQRWGV
;
E,F,G,H
#
# COMPACT_ATOMS: atom_id res chain seq x y z
N ASN A 3 -1.88 -17.05 33.83
CA ASN A 3 -1.95 -18.50 33.91
C ASN A 3 -1.25 -19.16 32.71
N ILE A 4 -1.10 -20.48 32.74
CA ILE A 4 -0.37 -21.20 31.71
C ILE A 4 -1.36 -21.84 30.76
N GLU A 5 -1.06 -21.81 29.47
CA GLU A 5 -1.96 -22.29 28.44
C GLU A 5 -1.49 -23.65 27.95
N PRO A 6 -2.08 -24.75 28.42
CA PRO A 6 -1.61 -26.08 28.04
C PRO A 6 -1.48 -26.33 26.54
N VAL A 7 -2.35 -25.74 25.72
CA VAL A 7 -2.30 -26.05 24.29
C VAL A 7 -1.00 -25.58 23.65
N ILE A 8 -0.40 -24.51 24.19
CA ILE A 8 0.87 -24.01 23.66
C ILE A 8 1.99 -25.00 23.95
N ILE A 9 2.06 -25.48 25.18
CA ILE A 9 3.08 -26.45 25.54
C ILE A 9 2.83 -27.79 24.84
N GLU A 10 1.57 -28.24 24.81
CA GLU A 10 1.28 -29.54 24.22
C GLU A 10 1.60 -29.56 22.73
N THR A 11 1.52 -28.42 22.06
CA THR A 11 1.87 -28.42 20.64
C THR A 11 3.37 -28.62 20.46
N ARG A 12 4.18 -27.92 21.26
CA ARG A 12 5.63 -28.10 21.14
C ARG A 12 6.06 -29.49 21.59
N LEU A 13 5.45 -30.02 22.65
CA LEU A 13 5.76 -31.39 23.08
C LEU A 13 5.43 -32.39 21.99
N GLU A 14 4.33 -32.19 21.28
CA GLU A 14 3.98 -33.12 20.22
C GLU A 14 4.99 -33.06 19.09
N LEU A 15 5.49 -31.85 18.79
CA LEU A 15 6.52 -31.68 17.78
C LEU A 15 7.83 -32.32 18.21
N ILE A 16 8.24 -32.11 19.48
CA ILE A 16 9.46 -32.74 19.99
C ILE A 16 9.40 -34.25 19.79
N GLY A 17 8.25 -34.85 20.11
CA GLY A 17 8.09 -36.28 19.89
C GLY A 17 8.16 -36.65 18.42
N ARG A 18 7.57 -35.82 17.56
N ARG A 18 7.59 -35.81 17.55
CA ARG A 18 7.64 -36.08 16.12
CA ARG A 18 7.63 -36.07 16.12
C ARG A 18 9.07 -35.98 15.62
C ARG A 18 9.06 -35.96 15.60
N TYR A 19 9.75 -34.87 15.93
CA TYR A 19 11.15 -34.73 15.57
C TYR A 19 11.98 -35.89 16.11
N LEU A 20 11.74 -36.28 17.37
CA LEU A 20 12.49 -37.39 17.94
C LEU A 20 12.24 -38.68 17.18
N ASP A 21 11.00 -38.93 16.78
CA ASP A 21 10.74 -40.15 16.02
C ASP A 21 11.53 -40.16 14.72
N HIS A 22 11.68 -38.99 14.08
CA HIS A 22 12.56 -38.88 12.92
C HIS A 22 14.01 -39.11 13.31
N LEU A 23 14.46 -38.46 14.38
CA LEU A 23 15.85 -38.55 14.81
C LEU A 23 16.24 -39.97 15.17
N LYS A 24 15.30 -40.80 15.61
CA LYS A 24 15.64 -42.17 15.96
C LYS A 24 16.00 -43.01 14.74
N LYS A 25 15.61 -42.58 13.53
CA LYS A 25 15.99 -43.37 12.36
C LYS A 25 17.51 -43.41 12.15
N PHE A 26 18.26 -42.57 12.84
CA PHE A 26 19.72 -42.59 12.80
C PHE A 26 20.33 -43.17 14.06
N GLU A 27 19.54 -43.84 14.90
CA GLU A 27 20.06 -44.23 16.21
C GLU A 27 21.18 -45.26 16.10
N ASN A 28 21.13 -46.12 15.08
CA ASN A 28 22.13 -47.17 14.93
C ASN A 28 23.10 -46.90 13.77
N ILE A 29 23.23 -45.64 13.33
CA ILE A 29 24.13 -45.35 12.22
C ILE A 29 25.55 -45.17 12.75
N SER A 30 26.52 -45.71 12.02
CA SER A 30 27.91 -45.66 12.47
C SER A 30 28.53 -44.32 12.13
N LEU A 31 29.52 -43.93 12.94
CA LEU A 31 30.22 -42.68 12.69
C LEU A 31 30.76 -42.64 11.26
N ASP A 32 31.26 -43.77 10.75
CA ASP A 32 31.75 -43.82 9.37
C ASP A 32 30.63 -43.55 8.38
N ASP A 33 29.47 -44.19 8.58
CA ASP A 33 28.33 -43.94 7.71
C ASP A 33 27.82 -42.52 7.87
N TYR A 34 27.92 -41.97 9.08
CA TYR A 34 27.46 -40.62 9.31
C TYR A 34 28.37 -39.60 8.63
N LEU A 35 29.67 -39.82 8.72
CA LEU A 35 30.60 -38.89 8.09
C LEU A 35 30.56 -38.95 6.58
N SER A 36 30.12 -40.06 5.98
CA SER A 36 30.20 -40.16 4.53
C SER A 36 28.97 -39.62 3.82
N SER A 37 28.03 -39.02 4.55
CA SER A 37 26.78 -38.53 3.95
C SER A 37 26.51 -37.13 4.50
N PHE A 38 26.76 -36.13 3.67
CA PHE A 38 26.48 -34.76 4.08
C PHE A 38 24.99 -34.52 4.28
N GLU A 39 24.16 -35.18 3.47
CA GLU A 39 22.71 -34.99 3.59
C GLU A 39 22.23 -35.47 4.96
N GLN A 40 22.72 -36.64 5.39
CA GLN A 40 22.35 -37.10 6.73
C GLN A 40 22.86 -36.16 7.81
N GLN A 41 24.02 -35.55 7.61
CA GLN A 41 24.48 -34.58 8.58
C GLN A 41 23.58 -33.35 8.61
N LEU A 42 23.07 -32.94 7.44
CA LEU A 42 22.17 -31.79 7.40
C LEU A 42 20.86 -32.11 8.09
N ILE A 43 20.31 -33.30 7.85
CA ILE A 43 19.06 -33.71 8.48
C ILE A 43 19.21 -33.70 10.01
N THR A 44 20.21 -34.41 10.53
CA THR A 44 20.36 -34.53 11.98
C THR A 44 20.66 -33.19 12.62
N GLU A 45 21.55 -32.40 12.02
CA GLU A 45 21.80 -31.07 12.58
C GLU A 45 20.51 -30.25 12.57
N GLU A 46 19.66 -30.45 11.57
CA GLU A 46 18.44 -29.67 11.47
C GLU A 46 17.42 -30.10 12.52
N LEU A 47 17.30 -31.41 12.76
CA LEU A 47 16.38 -31.91 13.78
C LEU A 47 16.76 -31.43 15.18
N LEU A 48 18.04 -31.55 15.56
CA LEU A 48 18.47 -31.12 16.88
C LEU A 48 18.14 -29.66 17.10
N GLN A 49 18.20 -28.86 16.03
CA GLN A 49 17.83 -27.46 16.16
C GLN A 49 16.35 -27.31 16.40
N LEU A 50 15.52 -28.08 15.69
CA LEU A 50 14.07 -28.00 15.90
C LEU A 50 13.67 -28.44 17.31
N ILE A 51 14.29 -29.52 17.80
CA ILE A 51 13.98 -30.03 19.14
C ILE A 51 14.32 -28.98 20.18
N THR A 52 15.55 -28.47 20.15
CA THR A 52 15.97 -27.51 21.15
C THR A 52 15.10 -26.25 21.10
N GLN A 53 14.73 -25.80 19.90
CA GLN A 53 13.89 -24.61 19.81
C GLN A 53 12.52 -24.83 20.45
N ALA A 54 11.94 -26.01 20.25
CA ALA A 54 10.64 -26.29 20.85
C ALA A 54 10.74 -26.28 22.36
N ALA A 55 11.75 -26.96 22.91
CA ALA A 55 11.92 -26.97 24.35
C ALA A 55 12.18 -25.56 24.87
N ILE A 56 13.00 -24.78 24.16
CA ILE A 56 13.23 -23.41 24.59
C ILE A 56 11.90 -22.66 24.65
N ASP A 57 11.04 -22.86 23.64
CA ASP A 57 9.74 -22.18 23.62
C ASP A 57 8.88 -22.60 24.80
N ILE A 58 8.90 -23.89 25.15
CA ILE A 58 8.17 -24.37 26.31
C ILE A 58 8.71 -23.71 27.58
N ASN A 59 10.04 -23.71 27.75
CA ASN A 59 10.61 -23.13 28.96
C ASN A 59 10.25 -21.66 29.09
N ASP A 60 10.32 -20.92 27.98
CA ASP A 60 10.02 -19.50 28.03
C ASP A 60 8.56 -19.24 28.34
N HIS A 61 7.65 -20.08 27.82
CA HIS A 61 6.24 -19.88 28.12
C HIS A 61 5.97 -20.12 29.59
N ILE A 62 6.50 -21.21 30.13
CA ILE A 62 6.29 -21.53 31.53
C ILE A 62 6.85 -20.43 32.42
N LEU A 63 8.10 -20.03 32.18
CA LEU A 63 8.71 -19.00 33.01
C LEU A 63 8.07 -17.63 32.81
N SER A 64 7.32 -17.45 31.72
CA SER A 64 6.60 -16.20 31.49
C SER A 64 5.51 -15.98 32.53
N LYS A 65 5.00 -17.05 33.13
CA LYS A 65 3.91 -16.98 34.10
C LYS A 65 4.38 -17.10 35.54
N LEU A 66 5.40 -17.94 35.81
CA LEU A 66 5.89 -18.09 37.18
C LEU A 66 6.69 -16.85 37.61
N LYS A 67 7.77 -16.55 36.88
CA LYS A 67 8.57 -15.36 37.11
C LYS A 67 8.38 -14.40 35.93
N SER A 68 7.20 -13.78 35.87
CA SER A 68 6.89 -12.85 34.79
C SER A 68 7.78 -11.62 34.89
N GLY A 69 8.36 -11.23 33.74
CA GLY A 69 9.24 -10.09 33.66
C GLY A 69 10.72 -10.40 33.78
N LYS A 70 11.10 -11.48 34.45
CA LYS A 70 12.50 -11.81 34.61
C LYS A 70 13.07 -12.37 33.31
N SER A 71 14.29 -11.96 32.98
CA SER A 71 14.98 -12.39 31.78
C SER A 71 15.88 -13.59 32.11
N TYR A 72 15.76 -14.65 31.31
CA TYR A 72 16.56 -15.84 31.47
C TYR A 72 17.24 -16.17 30.14
N THR A 73 18.51 -16.57 30.19
CA THR A 73 19.09 -17.13 28.98
C THR A 73 18.59 -18.56 28.80
N ASN A 74 18.79 -19.11 27.60
CA ASN A 74 18.32 -20.45 27.30
C ASN A 74 18.87 -21.47 28.30
N PHE A 75 20.14 -21.30 28.70
CA PHE A 75 20.76 -22.27 29.61
C PHE A 75 20.14 -22.18 30.99
N GLU A 76 20.14 -20.99 31.59
CA GLU A 76 19.60 -20.85 32.93
C GLU A 76 18.11 -21.13 33.00
N ALA A 77 17.40 -21.00 31.87
CA ALA A 77 15.98 -21.33 31.86
C ALA A 77 15.76 -22.79 32.22
N PHE A 78 16.56 -23.69 31.64
CA PHE A 78 16.50 -25.09 32.00
C PHE A 78 16.79 -25.28 33.49
N ILE A 79 17.85 -24.63 33.99
CA ILE A 79 18.20 -24.78 35.40
C ILE A 79 17.06 -24.30 36.28
N GLU A 80 16.41 -23.21 35.88
CA GLU A 80 15.34 -22.65 36.70
C GLU A 80 14.11 -23.57 36.75
N LEU A 81 13.87 -24.34 35.69
CA LEU A 81 12.81 -25.34 35.76
C LEU A 81 13.13 -26.44 36.76
N GLY A 82 14.40 -26.69 37.05
CA GLY A 82 14.76 -27.63 38.08
C GLY A 82 14.55 -27.06 39.47
N LYS A 83 14.78 -25.76 39.63
CA LYS A 83 14.53 -25.12 40.92
C LYS A 83 13.04 -25.10 41.25
N TYR A 84 12.18 -25.07 40.23
CA TYR A 84 10.74 -25.14 40.45
C TYR A 84 10.23 -26.58 40.44
N GLN A 85 11.12 -27.56 40.38
CA GLN A 85 10.80 -28.98 40.42
C GLN A 85 9.97 -29.44 39.21
N ILE A 86 9.80 -28.58 38.20
CA ILE A 86 9.13 -28.97 36.96
C ILE A 86 9.97 -29.99 36.20
N LEU A 87 11.29 -29.80 36.20
CA LEU A 87 12.24 -30.83 35.80
C LEU A 87 13.04 -31.27 37.03
N THR A 88 13.47 -32.52 37.04
CA THR A 88 14.38 -32.94 38.08
C THR A 88 15.70 -32.19 37.92
N PRO A 89 16.31 -31.72 39.00
CA PRO A 89 17.58 -30.99 38.86
C PRO A 89 18.64 -31.77 38.11
N GLU A 90 18.63 -33.10 38.22
CA GLU A 90 19.56 -33.90 37.42
C GLU A 90 19.31 -33.69 35.93
N LEU A 91 18.05 -33.80 35.49
CA LEU A 91 17.77 -33.63 34.06
C LEU A 91 18.03 -32.20 33.61
N ALA A 92 17.69 -31.22 34.44
CA ALA A 92 17.93 -29.83 34.06
C ALA A 92 19.42 -29.58 33.84
N LYS A 93 20.28 -30.08 34.75
CA LYS A 93 21.72 -29.88 34.58
C LYS A 93 22.23 -30.69 33.40
N GLN A 94 21.70 -31.90 33.20
CA GLN A 94 22.20 -32.72 32.11
C GLN A 94 21.78 -32.18 30.75
N ILE A 95 20.63 -31.49 30.68
CA ILE A 95 20.09 -31.06 29.39
C ILE A 95 20.31 -29.57 29.11
N ALA A 96 20.61 -28.75 30.12
CA ALA A 96 20.77 -27.33 29.87
C ALA A 96 21.85 -26.98 28.84
N PRO A 97 22.97 -27.70 28.73
CA PRO A 97 23.90 -27.41 27.62
C PRO A 97 23.32 -27.68 26.24
N SER A 98 22.20 -28.39 26.13
CA SER A 98 21.58 -28.60 24.82
C SER A 98 21.18 -27.28 24.18
N SER A 99 20.89 -26.27 24.99
CA SER A 99 20.51 -24.96 24.48
C SER A 99 21.58 -24.39 23.54
N GLY A 100 22.82 -24.86 23.65
CA GLY A 100 23.88 -24.48 22.75
C GLY A 100 23.74 -25.03 21.34
N LEU A 101 22.85 -26.01 21.13
CA LEU A 101 22.65 -26.56 19.79
C LEU A 101 21.92 -25.60 18.85
N ARG A 102 21.16 -24.64 19.35
CA ARG A 102 20.40 -23.75 18.46
C ARG A 102 21.28 -22.71 17.77
N GLU A 108 28.88 -17.29 9.99
CA GLU A 108 30.05 -16.66 9.39
C GLU A 108 31.18 -17.67 9.21
N TYR A 109 31.34 -18.57 10.18
CA TYR A 109 32.38 -19.59 10.15
C TYR A 109 31.75 -20.97 10.28
N ASP A 110 32.26 -21.93 9.51
CA ASP A 110 31.72 -23.28 9.50
C ASP A 110 32.43 -24.13 10.55
N ASP A 111 32.14 -23.78 11.81
CA ASP A 111 32.73 -24.43 12.97
C ASP A 111 31.94 -25.65 13.43
N ILE A 112 30.92 -26.06 12.68
CA ILE A 112 30.10 -27.20 13.07
C ILE A 112 30.86 -28.48 12.78
N ASP A 113 31.31 -29.16 13.83
CA ASP A 113 32.06 -30.40 13.67
C ASP A 113 31.07 -31.56 13.59
N PRO A 114 31.14 -32.39 12.54
CA PRO A 114 30.23 -33.55 12.50
C PRO A 114 30.46 -34.55 13.62
N ASN A 115 31.70 -34.67 14.12
CA ASN A 115 31.96 -35.58 15.22
C ASN A 115 31.25 -35.15 16.49
N GLN A 116 31.12 -33.84 16.72
CA GLN A 116 30.41 -33.37 17.89
C GLN A 116 28.90 -33.48 17.73
N VAL A 117 28.37 -33.25 16.52
CA VAL A 117 26.94 -33.42 16.29
C VAL A 117 26.54 -34.88 16.44
N PHE A 118 27.38 -35.79 15.95
CA PHE A 118 27.09 -37.21 16.08
C PHE A 118 26.94 -37.62 17.54
N MET A 119 27.75 -37.03 18.42
CA MET A 119 27.55 -37.26 19.85
C MET A 119 26.22 -36.68 20.31
N ALA A 120 25.84 -35.52 19.76
CA ALA A 120 24.63 -34.86 20.20
C ALA A 120 23.38 -35.65 19.82
N ILE A 121 23.46 -36.47 18.79
CA ILE A 121 22.31 -37.31 18.42
C ILE A 121 21.96 -38.25 19.56
N SER A 122 22.93 -39.04 20.02
CA SER A 122 22.66 -39.97 21.12
C SER A 122 22.32 -39.22 22.40
N PHE A 123 22.90 -38.04 22.61
CA PHE A 123 22.53 -37.23 23.76
C PHE A 123 21.05 -36.92 23.74
N ALA A 124 20.56 -36.42 22.61
CA ALA A 124 19.16 -36.00 22.49
C ALA A 124 18.22 -37.20 22.59
N LEU A 125 18.60 -38.35 22.02
CA LEU A 125 17.76 -39.53 22.08
C LEU A 125 17.63 -40.06 23.49
N GLN A 126 18.49 -39.63 24.41
CA GLN A 126 18.45 -40.09 25.79
C GLN A 126 17.81 -39.07 26.73
N GLN A 127 18.04 -37.79 26.52
CA GLN A 127 17.55 -36.78 27.45
C GLN A 127 16.19 -36.21 27.07
N TYR A 128 15.88 -36.06 25.77
CA TYR A 128 14.66 -35.33 25.45
C TYR A 128 13.39 -36.15 25.64
N PRO A 129 13.36 -37.47 25.41
CA PRO A 129 12.19 -38.24 25.87
C PRO A 129 11.89 -38.01 27.35
N LEU A 130 12.92 -37.98 28.20
CA LEU A 130 12.71 -37.65 29.60
C LEU A 130 12.16 -36.23 29.77
N TYR A 131 12.61 -35.30 28.91
CA TYR A 131 12.05 -33.95 28.96
C TYR A 131 10.56 -33.96 28.63
N VAL A 132 10.16 -34.77 27.64
CA VAL A 132 8.75 -34.87 27.30
C VAL A 132 7.97 -35.46 28.48
N ARG A 133 8.49 -36.53 29.08
CA ARG A 133 7.82 -37.14 30.22
C ARG A 133 7.64 -36.15 31.36
N GLN A 134 8.70 -35.46 31.76
CA GLN A 134 8.60 -34.61 32.93
C GLN A 134 7.69 -33.42 32.68
N ILE A 135 7.75 -32.83 31.47
CA ILE A 135 6.86 -31.72 31.13
C ILE A 135 5.41 -32.20 31.05
N ASN A 136 5.20 -33.41 30.52
CA ASN A 136 3.86 -33.99 30.45
C ASN A 136 3.27 -34.15 31.85
N SER A 137 4.09 -34.59 32.80
CA SER A 137 3.60 -34.75 34.15
C SER A 137 3.25 -33.41 34.80
N TYR A 138 4.01 -32.36 34.47
CA TYR A 138 3.70 -31.03 34.99
C TYR A 138 2.34 -30.58 34.49
N LEU A 139 2.00 -30.93 33.25
CA LEU A 139 0.70 -30.59 32.71
C LEU A 139 -0.40 -31.32 33.47
N ILE A 140 -0.22 -32.63 33.69
CA ILE A 140 -1.16 -33.40 34.50
C ILE A 140 -1.24 -32.83 35.90
N THR A 141 -0.12 -32.30 36.41
CA THR A 141 -0.17 -31.58 37.68
C THR A 141 -1.03 -30.34 37.56
N LEU A 142 -0.99 -29.67 36.40
CA LEU A 142 -1.78 -28.45 36.21
C LEU A 142 -3.28 -28.75 36.15
N GLU A 143 -3.65 -29.89 35.56
CA GLU A 143 -5.06 -30.25 35.44
C GLU A 143 -5.70 -30.45 36.81
N GLU A 144 -4.93 -30.94 37.79
CA GLU A 144 -5.51 -31.21 39.10
C GLU A 144 -5.63 -29.94 39.93
N GLU A 145 -4.60 -29.08 39.92
CA GLU A 145 -4.70 -27.82 40.63
C GLU A 145 -5.79 -26.92 40.04
N ASN A 146 -6.00 -26.98 38.73
CA ASN A 146 -7.06 -26.19 38.13
C ASN A 146 -8.45 -26.68 38.56
N ASP A 147 -8.56 -27.92 39.02
CA ASP A 147 -9.85 -28.44 39.45
C ASP A 147 -10.19 -28.02 40.87
N LEU A 148 -9.28 -28.24 41.81
CA LEU A 148 -9.52 -27.88 43.20
C LEU A 148 -9.32 -26.38 43.41
N ASN B 3 44.25 -4.60 -0.43
CA ASN B 3 43.85 -4.83 0.96
C ASN B 3 42.74 -5.87 1.04
N ILE B 4 42.49 -6.56 -0.07
CA ILE B 4 41.43 -7.55 -0.20
C ILE B 4 42.06 -8.93 -0.25
N GLU B 5 41.42 -9.91 0.39
CA GLU B 5 41.97 -11.24 0.59
C GLU B 5 41.35 -12.26 -0.37
N PRO B 6 41.98 -12.55 -1.51
CA PRO B 6 41.38 -13.56 -2.41
C PRO B 6 41.14 -14.91 -1.76
N VAL B 7 42.01 -15.34 -0.85
CA VAL B 7 41.82 -16.67 -0.26
C VAL B 7 40.53 -16.71 0.55
N ILE B 8 40.13 -15.58 1.13
CA ILE B 8 38.88 -15.54 1.89
C ILE B 8 37.68 -15.70 0.96
N ILE B 9 37.66 -14.96 -0.14
CA ILE B 9 36.53 -15.07 -1.05
C ILE B 9 36.52 -16.43 -1.71
N GLU B 10 37.70 -16.93 -2.11
CA GLU B 10 37.76 -18.20 -2.81
C GLU B 10 37.33 -19.36 -1.92
N THR B 11 37.52 -19.26 -0.62
CA THR B 11 37.08 -20.35 0.24
C THR B 11 35.57 -20.43 0.27
N ARG B 12 34.92 -19.27 0.43
CA ARG B 12 33.47 -19.23 0.49
C ARG B 12 32.86 -19.61 -0.85
N LEU B 13 33.46 -19.13 -1.94
CA LEU B 13 33.02 -19.49 -3.29
C LEU B 13 33.14 -20.99 -3.53
N GLU B 14 34.20 -21.60 -3.01
CA GLU B 14 34.36 -23.04 -3.18
C GLU B 14 33.32 -23.82 -2.39
N LEU B 15 32.93 -23.32 -1.22
CA LEU B 15 31.85 -23.96 -0.49
C LEU B 15 30.53 -23.82 -1.25
N ILE B 16 30.23 -22.63 -1.77
CA ILE B 16 29.00 -22.43 -2.54
C ILE B 16 28.90 -23.46 -3.65
N GLY B 17 30.02 -23.69 -4.36
CA GLY B 17 30.00 -24.69 -5.42
C GLY B 17 29.71 -26.08 -4.90
N ARG B 18 30.23 -26.40 -3.70
CA ARG B 18 29.96 -27.71 -3.12
C ARG B 18 28.50 -27.84 -2.74
N TYR B 19 27.96 -26.82 -2.06
CA TYR B 19 26.54 -26.85 -1.71
C TYR B 19 25.67 -27.01 -2.94
N LEU B 20 25.98 -26.25 -3.99
CA LEU B 20 25.20 -26.31 -5.23
C LEU B 20 25.27 -27.69 -5.88
N ASP B 21 26.44 -28.34 -5.84
CA ASP B 21 26.53 -29.68 -6.40
C ASP B 21 25.61 -30.64 -5.68
N HIS B 22 25.49 -30.47 -4.36
CA HIS B 22 24.51 -31.24 -3.60
C HIS B 22 23.08 -30.82 -3.94
N LEU B 23 22.82 -29.51 -3.97
CA LEU B 23 21.47 -29.04 -4.27
C LEU B 23 21.00 -29.51 -5.64
N LYS B 24 21.93 -29.73 -6.58
CA LYS B 24 21.51 -30.15 -7.91
C LYS B 24 20.85 -31.52 -7.90
N LYS B 25 21.03 -32.30 -6.83
CA LYS B 25 20.35 -33.58 -6.79
C LYS B 25 18.83 -33.43 -6.70
N PHE B 26 18.33 -32.21 -6.43
CA PHE B 26 16.90 -31.95 -6.37
C PHE B 26 16.37 -31.22 -7.61
N GLU B 27 17.13 -31.22 -8.72
CA GLU B 27 16.75 -30.42 -9.87
C GLU B 27 15.51 -30.99 -10.56
N ASN B 28 15.35 -32.32 -10.58
CA ASN B 28 14.25 -32.96 -11.28
C ASN B 28 13.18 -33.52 -10.34
N ILE B 29 13.07 -32.97 -9.11
CA ILE B 29 12.12 -33.47 -8.12
C ILE B 29 10.76 -32.81 -8.28
N SER B 30 9.70 -33.61 -8.11
CA SER B 30 8.32 -33.14 -8.24
C SER B 30 7.83 -32.51 -6.94
N LEU B 31 6.94 -31.51 -7.08
CA LEU B 31 6.37 -30.85 -5.90
C LEU B 31 5.66 -31.84 -4.99
N ASP B 32 4.94 -32.80 -5.57
CA ASP B 32 4.28 -33.79 -4.73
C ASP B 32 5.29 -34.64 -3.97
N ASP B 33 6.34 -35.10 -4.66
CA ASP B 33 7.35 -35.89 -3.96
C ASP B 33 8.07 -35.06 -2.90
N TYR B 34 8.19 -33.75 -3.14
CA TYR B 34 8.86 -32.88 -2.16
C TYR B 34 8.03 -32.69 -0.91
N LEU B 35 6.71 -32.57 -1.05
CA LEU B 35 5.84 -32.39 0.12
C LEU B 35 5.74 -33.64 0.96
N SER B 36 5.96 -34.82 0.36
CA SER B 36 5.81 -36.07 1.06
C SER B 36 7.11 -36.54 1.74
N SER B 37 8.13 -35.70 1.80
CA SER B 37 9.41 -36.07 2.38
C SER B 37 9.87 -34.92 3.27
N PHE B 38 9.78 -35.12 4.58
CA PHE B 38 10.26 -34.10 5.51
C PHE B 38 11.77 -33.94 5.42
N GLU B 39 12.50 -35.05 5.25
CA GLU B 39 13.96 -34.98 5.22
C GLU B 39 14.46 -34.17 4.04
N GLN B 40 13.89 -34.39 2.85
CA GLN B 40 14.30 -33.61 1.70
C GLN B 40 14.04 -32.13 1.94
N GLN B 41 12.96 -31.79 2.65
CA GLN B 41 12.73 -30.38 2.97
C GLN B 41 13.81 -29.87 3.91
N LEU B 42 14.28 -30.71 4.83
CA LEU B 42 15.34 -30.27 5.73
C LEU B 42 16.65 -30.07 4.98
N ILE B 43 17.01 -31.03 4.13
CA ILE B 43 18.25 -30.90 3.35
C ILE B 43 18.20 -29.63 2.52
N THR B 44 17.10 -29.44 1.80
CA THR B 44 16.96 -28.29 0.92
C THR B 44 16.97 -26.98 1.69
N GLU B 45 16.24 -26.90 2.80
CA GLU B 45 16.26 -25.69 3.61
C GLU B 45 17.65 -25.39 4.14
N GLU B 46 18.42 -26.43 4.47
CA GLU B 46 19.75 -26.22 5.03
C GLU B 46 20.75 -25.78 3.95
N LEU B 47 20.68 -26.39 2.77
CA LEU B 47 21.57 -26.00 1.68
C LEU B 47 21.38 -24.54 1.30
N LEU B 48 20.13 -24.11 1.10
CA LEU B 48 19.88 -22.73 0.71
C LEU B 48 20.41 -21.74 1.75
N GLN B 49 20.38 -22.12 3.03
CA GLN B 49 20.93 -21.26 4.08
C GLN B 49 22.44 -21.20 4.01
N LEU B 50 23.08 -22.35 3.77
CA LEU B 50 24.53 -22.35 3.67
C LEU B 50 25.00 -21.51 2.47
N ILE B 51 24.32 -21.64 1.33
CA ILE B 51 24.72 -20.90 0.13
C ILE B 51 24.63 -19.39 0.36
N THR B 52 23.44 -18.92 0.73
CA THR B 52 23.27 -17.47 0.88
C THR B 52 24.20 -16.90 1.95
N GLN B 53 24.43 -17.66 3.03
CA GLN B 53 25.33 -17.18 4.07
C GLN B 53 26.76 -16.98 3.54
N ALA B 54 27.23 -17.92 2.71
CA ALA B 54 28.55 -17.74 2.12
C ALA B 54 28.57 -16.51 1.23
N ALA B 55 27.53 -16.35 0.40
CA ALA B 55 27.46 -15.17 -0.46
C ALA B 55 27.42 -13.89 0.35
N ILE B 56 26.67 -13.87 1.44
CA ILE B 56 26.65 -12.69 2.30
C ILE B 56 28.05 -12.43 2.87
N ASP B 57 28.77 -13.50 3.24
CA ASP B 57 30.15 -13.35 3.75
C ASP B 57 31.08 -12.79 2.68
N ILE B 58 30.94 -13.27 1.45
CA ILE B 58 31.73 -12.73 0.35
C ILE B 58 31.39 -11.26 0.15
N ASN B 59 30.10 -10.94 0.07
CA ASN B 59 29.71 -9.55 -0.13
C ASN B 59 30.24 -8.68 1.01
N ASP B 60 30.15 -9.18 2.26
CA ASP B 60 30.61 -8.38 3.38
C ASP B 60 32.12 -8.16 3.31
N HIS B 61 32.87 -9.16 2.87
CA HIS B 61 34.30 -8.98 2.78
C HIS B 61 34.65 -7.97 1.67
N ILE B 62 34.01 -8.09 0.50
CA ILE B 62 34.30 -7.20 -0.62
C ILE B 62 33.95 -5.76 -0.25
N LEU B 63 32.73 -5.53 0.22
CA LEU B 63 32.33 -4.17 0.57
C LEU B 63 33.11 -3.66 1.77
N SER B 64 33.76 -4.54 2.52
CA SER B 64 34.60 -4.12 3.62
C SER B 64 35.81 -3.33 3.15
N LYS B 65 36.24 -3.53 1.90
CA LYS B 65 37.41 -2.87 1.35
C LYS B 65 37.07 -1.66 0.48
N LEU B 66 35.99 -1.74 -0.29
CA LEU B 66 35.64 -0.62 -1.16
C LEU B 66 35.03 0.53 -0.37
N LYS B 67 33.90 0.28 0.29
CA LYS B 67 33.25 1.29 1.11
C LYS B 67 33.39 0.93 2.58
N SER B 68 34.62 1.06 3.09
CA SER B 68 34.90 0.74 4.48
C SER B 68 34.18 1.72 5.39
N GLY B 69 33.52 1.19 6.42
CA GLY B 69 32.79 2.00 7.37
C GLY B 69 31.31 2.18 7.07
N LYS B 70 30.91 2.08 5.80
CA LYS B 70 29.51 2.21 5.44
C LYS B 70 28.77 0.93 5.82
N SER B 71 27.57 1.08 6.36
CA SER B 71 26.74 -0.04 6.80
C SER B 71 25.75 -0.40 5.69
N TYR B 72 25.75 -1.67 5.31
CA TYR B 72 24.85 -2.19 4.27
C TYR B 72 24.08 -3.38 4.81
N THR B 73 22.79 -3.45 4.51
CA THR B 73 22.07 -4.67 4.82
C THR B 73 22.42 -5.76 3.82
N ASN B 74 22.10 -7.00 4.17
CA ASN B 74 22.40 -8.13 3.30
C ASN B 74 21.79 -7.92 1.91
N PHE B 75 20.60 -7.33 1.85
CA PHE B 75 19.95 -7.11 0.57
C PHE B 75 20.70 -6.06 -0.24
N GLU B 76 20.94 -4.89 0.37
CA GLU B 76 21.63 -3.81 -0.31
C GLU B 76 23.04 -4.17 -0.70
N ALA B 77 23.66 -5.14 -0.02
CA ALA B 77 25.00 -5.55 -0.39
C ALA B 77 25.04 -6.10 -1.80
N PHE B 78 24.09 -6.98 -2.12
CA PHE B 78 23.99 -7.52 -3.48
C PHE B 78 23.82 -6.40 -4.49
N ILE B 79 22.92 -5.45 -4.20
CA ILE B 79 22.68 -4.35 -5.12
C ILE B 79 23.95 -3.52 -5.30
N GLU B 80 24.70 -3.31 -4.21
CA GLU B 80 25.91 -2.50 -4.30
C GLU B 80 27.00 -3.18 -5.11
N LEU B 81 27.05 -4.51 -5.12
CA LEU B 81 27.99 -5.19 -6.00
C LEU B 81 27.65 -4.95 -7.46
N GLY B 82 26.40 -4.63 -7.77
CA GLY B 82 26.04 -4.26 -9.13
C GLY B 82 26.47 -2.87 -9.50
N LYS B 83 26.48 -1.94 -8.53
CA LYS B 83 26.92 -0.58 -8.82
C LYS B 83 28.41 -0.54 -9.13
N TYR B 84 29.20 -1.45 -8.55
CA TYR B 84 30.63 -1.52 -8.82
C TYR B 84 30.96 -2.45 -9.99
N GLN B 85 29.95 -2.95 -10.70
CA GLN B 85 30.07 -3.82 -11.86
C GLN B 85 30.69 -5.17 -11.51
N ILE B 86 30.84 -5.47 -10.22
CA ILE B 86 31.30 -6.79 -9.79
C ILE B 86 30.26 -7.86 -10.10
N LEU B 87 28.99 -7.52 -9.92
CA LEU B 87 27.88 -8.28 -10.47
C LEU B 87 27.19 -7.46 -11.55
N THR B 88 26.61 -8.16 -12.52
CA THR B 88 25.77 -7.47 -13.46
C THR B 88 24.57 -6.93 -12.71
N PRO B 89 24.14 -5.70 -12.98
CA PRO B 89 22.98 -5.15 -12.27
C PRO B 89 21.76 -6.04 -12.40
N GLU B 90 21.64 -6.74 -13.52
CA GLU B 90 20.54 -7.69 -13.68
C GLU B 90 20.62 -8.78 -12.63
N LEU B 91 21.79 -9.40 -12.47
CA LEU B 91 21.93 -10.49 -11.51
C LEU B 91 21.82 -9.98 -10.07
N ALA B 92 22.38 -8.80 -9.79
CA ALA B 92 22.28 -8.25 -8.45
C ALA B 92 20.83 -8.01 -8.06
N LYS B 93 20.03 -7.52 -9.00
CA LYS B 93 18.61 -7.31 -8.71
C LYS B 93 17.88 -8.64 -8.57
N GLN B 94 18.20 -9.61 -9.43
CA GLN B 94 17.47 -10.87 -9.39
C GLN B 94 17.80 -11.69 -8.15
N ILE B 95 19.01 -11.55 -7.62
CA ILE B 95 19.47 -12.44 -6.58
C ILE B 95 19.44 -11.81 -5.19
N ALA B 96 19.36 -10.49 -5.09
CA ALA B 96 19.34 -9.85 -3.77
C ALA B 96 18.24 -10.35 -2.84
N PRO B 97 17.04 -10.71 -3.30
CA PRO B 97 16.08 -11.32 -2.38
C PRO B 97 16.55 -12.63 -1.76
N SER B 98 17.65 -13.24 -2.24
CA SER B 98 18.18 -14.43 -1.58
C SER B 98 18.60 -14.13 -0.15
N SER B 99 18.98 -12.89 0.12
CA SER B 99 19.44 -12.50 1.45
C SER B 99 18.40 -12.81 2.53
N GLY B 100 17.13 -12.91 2.14
CA GLY B 100 16.07 -13.32 3.03
C GLY B 100 16.08 -14.79 3.41
N LEU B 101 16.79 -15.62 2.65
CA LEU B 101 16.89 -17.03 2.98
C LEU B 101 17.76 -17.30 4.21
N ARG B 102 18.65 -16.38 4.56
CA ARG B 102 19.53 -16.59 5.73
C ARG B 102 18.78 -16.40 7.04
N GLU B 108 10.59 -18.86 17.05
CA GLU B 108 9.59 -19.20 18.05
C GLU B 108 8.35 -19.81 17.40
N TYR B 109 8.22 -19.64 16.09
CA TYR B 109 7.14 -20.25 15.31
C TYR B 109 7.73 -20.88 14.06
N ASP B 110 7.26 -22.09 13.75
CA ASP B 110 7.76 -22.87 12.62
C ASP B 110 6.91 -22.61 11.39
N ASP B 111 6.95 -21.35 10.93
CA ASP B 111 6.13 -20.90 9.82
C ASP B 111 6.84 -20.95 8.46
N ILE B 112 7.47 -22.09 8.15
CA ILE B 112 8.17 -22.27 6.88
C ILE B 112 7.25 -23.02 5.92
N ASP B 113 7.01 -22.44 4.74
CA ASP B 113 6.14 -23.08 3.76
C ASP B 113 7.00 -23.90 2.81
N PRO B 114 6.76 -25.20 2.66
CA PRO B 114 7.56 -25.99 1.71
C PRO B 114 7.36 -25.58 0.27
N ASN B 115 6.19 -25.06 -0.08
CA ASN B 115 5.94 -24.65 -1.47
C ASN B 115 6.83 -23.48 -1.87
N GLN B 116 7.08 -22.54 -0.96
CA GLN B 116 7.96 -21.42 -1.31
C GLN B 116 9.41 -21.84 -1.32
N VAL B 117 9.81 -22.74 -0.43
CA VAL B 117 11.18 -23.25 -0.47
C VAL B 117 11.39 -24.05 -1.74
N PHE B 118 10.38 -24.79 -2.18
CA PHE B 118 10.51 -25.55 -3.43
C PHE B 118 10.81 -24.63 -4.61
N MET B 119 10.17 -23.45 -4.65
CA MET B 119 10.49 -22.49 -5.70
C MET B 119 11.92 -22.00 -5.58
N ALA B 120 12.39 -21.84 -4.35
CA ALA B 120 13.73 -21.30 -4.15
C ALA B 120 14.82 -22.26 -4.59
N ILE B 121 14.53 -23.57 -4.66
CA ILE B 121 15.52 -24.51 -5.19
C ILE B 121 15.87 -24.15 -6.61
N SER B 122 14.86 -24.02 -7.48
CA SER B 122 15.10 -23.66 -8.86
C SER B 122 15.74 -22.29 -8.99
N PHE B 123 15.35 -21.36 -8.10
CA PHE B 123 15.94 -20.04 -8.13
C PHE B 123 17.44 -20.14 -7.90
N ALA B 124 17.84 -20.85 -6.85
CA ALA B 124 19.25 -20.94 -6.51
C ALA B 124 20.05 -21.64 -7.60
N LEU B 125 19.47 -22.69 -8.20
CA LEU B 125 20.19 -23.44 -9.23
C LEU B 125 20.40 -22.63 -10.51
N GLN B 126 19.69 -21.52 -10.69
CA GLN B 126 19.88 -20.69 -11.86
C GLN B 126 20.71 -19.46 -11.57
N GLN B 127 20.55 -18.87 -10.39
CA GLN B 127 21.20 -17.59 -10.11
C GLN B 127 22.59 -17.73 -9.48
N TYR B 128 22.81 -18.74 -8.66
CA TYR B 128 24.05 -18.78 -7.89
C TYR B 128 25.26 -19.24 -8.70
N PRO B 129 25.12 -20.15 -9.68
CA PRO B 129 26.25 -20.36 -10.61
C PRO B 129 26.69 -19.07 -11.29
N LEU B 130 25.74 -18.21 -11.68
CA LEU B 130 26.11 -16.91 -12.24
C LEU B 130 26.86 -16.08 -11.20
N TYR B 131 26.45 -16.17 -9.93
CA TYR B 131 27.17 -15.48 -8.88
C TYR B 131 28.59 -16.04 -8.76
N VAL B 132 28.73 -17.37 -8.86
CA VAL B 132 30.07 -17.96 -8.82
C VAL B 132 30.89 -17.46 -10.00
N ARG B 133 30.31 -17.52 -11.20
CA ARG B 133 31.02 -17.03 -12.38
C ARG B 133 31.42 -15.56 -12.23
N GLN B 134 30.49 -14.72 -11.81
CA GLN B 134 30.79 -13.30 -11.80
C GLN B 134 31.81 -12.96 -10.71
N ILE B 135 31.70 -13.56 -9.52
CA ILE B 135 32.69 -13.29 -8.48
C ILE B 135 34.04 -13.85 -8.89
N ASN B 136 34.05 -15.02 -9.54
CA ASN B 136 35.31 -15.60 -10.01
C ASN B 136 36.00 -14.68 -11.00
N SER B 137 35.24 -14.04 -11.88
CA SER B 137 35.87 -13.11 -12.79
C SER B 137 36.45 -11.91 -12.07
N TYR B 138 35.80 -11.45 -11.00
CA TYR B 138 36.36 -10.36 -10.22
C TYR B 138 37.69 -10.75 -9.60
N LEU B 139 37.80 -12.00 -9.15
CA LEU B 139 39.04 -12.47 -8.56
C LEU B 139 40.16 -12.49 -9.59
N ILE B 140 39.88 -13.01 -10.79
CA ILE B 140 40.88 -13.00 -11.85
C ILE B 140 41.30 -11.58 -12.20
N THR B 141 40.37 -10.62 -12.12
CA THR B 141 40.74 -9.23 -12.34
C THR B 141 41.74 -8.75 -11.30
N LEU B 142 41.62 -9.24 -10.07
CA LEU B 142 42.50 -8.82 -8.99
C LEU B 142 43.94 -9.28 -9.22
N GLU B 143 44.12 -10.42 -9.88
CA GLU B 143 45.47 -10.92 -10.11
C GLU B 143 46.31 -9.92 -10.91
N GLU B 144 45.69 -9.20 -11.84
CA GLU B 144 46.39 -8.20 -12.63
C GLU B 144 46.44 -6.86 -11.88
N THR C 2 4.04 5.51 -10.56
CA THR C 2 4.75 6.79 -10.41
C THR C 2 4.67 7.31 -8.98
N ASN C 3 5.63 8.13 -8.58
CA ASN C 3 5.60 8.77 -7.27
C ASN C 3 4.68 9.99 -7.31
N ILE C 4 4.86 10.94 -6.39
CA ILE C 4 3.99 12.10 -6.28
C ILE C 4 4.74 13.32 -6.79
N GLU C 5 4.04 14.20 -7.51
CA GLU C 5 4.64 15.37 -8.11
C GLU C 5 4.33 16.61 -7.30
N PRO C 6 5.24 17.06 -6.43
CA PRO C 6 4.95 18.27 -5.64
C PRO C 6 4.56 19.47 -6.48
N VAL C 7 5.15 19.61 -7.68
CA VAL C 7 4.86 20.79 -8.49
C VAL C 7 3.41 20.80 -8.96
N ILE C 8 2.81 19.62 -9.19
CA ILE C 8 1.41 19.56 -9.56
C ILE C 8 0.54 19.98 -8.39
N ILE C 9 0.85 19.45 -7.19
CA ILE C 9 0.10 19.78 -5.99
C ILE C 9 0.30 21.24 -5.63
N GLU C 10 1.53 21.74 -5.71
CA GLU C 10 1.79 23.12 -5.36
C GLU C 10 1.05 24.08 -6.29
N THR C 11 0.80 23.67 -7.55
CA THR C 11 0.03 24.53 -8.44
C THR C 11 -1.41 24.64 -7.98
N ARG C 12 -2.02 23.51 -7.63
CA ARG C 12 -3.40 23.53 -7.16
C ARG C 12 -3.52 24.19 -5.79
N LEU C 13 -2.55 23.94 -4.91
CA LEU C 13 -2.55 24.61 -3.62
C LEU C 13 -2.48 26.12 -3.80
N GLU C 14 -1.70 26.57 -4.79
CA GLU C 14 -1.56 27.99 -5.04
C GLU C 14 -2.86 28.60 -5.53
N LEU C 15 -3.60 27.87 -6.37
CA LEU C 15 -4.90 28.34 -6.82
C LEU C 15 -5.88 28.42 -5.67
N ILE C 16 -5.92 27.37 -4.83
CA ILE C 16 -6.81 27.39 -3.68
C ILE C 16 -6.59 28.64 -2.86
N GLY C 17 -5.32 29.00 -2.61
CA GLY C 17 -5.03 30.20 -1.86
C GLY C 17 -5.46 31.46 -2.58
N ARG C 18 -5.30 31.48 -3.91
CA ARG C 18 -5.77 32.64 -4.68
C ARG C 18 -7.28 32.75 -4.60
N TYR C 19 -8.00 31.65 -4.83
CA TYR C 19 -9.45 31.68 -4.73
C TYR C 19 -9.88 32.13 -3.35
N LEU C 20 -9.25 31.58 -2.30
CA LEU C 20 -9.62 31.94 -0.93
C LEU C 20 -9.41 33.42 -0.68
N ASP C 21 -8.34 33.99 -1.26
CA ASP C 21 -8.10 35.42 -1.09
C ASP C 21 -9.23 36.24 -1.68
N HIS C 22 -9.77 35.82 -2.82
CA HIS C 22 -10.96 36.48 -3.36
C HIS C 22 -12.17 36.24 -2.46
N LEU C 23 -12.37 34.98 -2.04
CA LEU C 23 -13.51 34.64 -1.22
C LEU C 23 -13.54 35.41 0.09
N LYS C 24 -12.36 35.80 0.60
CA LYS C 24 -12.32 36.54 1.85
C LYS C 24 -12.92 37.93 1.72
N LYS C 25 -13.04 38.46 0.49
CA LYS C 25 -13.69 39.75 0.34
C LYS C 25 -15.18 39.70 0.69
N PHE C 26 -15.76 38.51 0.83
CA PHE C 26 -17.16 38.35 1.21
C PHE C 26 -17.32 37.89 2.65
N GLU C 27 -16.25 37.93 3.45
CA GLU C 27 -16.32 37.34 4.79
C GLU C 27 -17.23 38.16 5.71
N ASN C 28 -17.32 39.47 5.52
CA ASN C 28 -18.11 40.34 6.38
C ASN C 28 -19.41 40.77 5.73
N ILE C 29 -19.89 40.00 4.75
CA ILE C 29 -21.09 40.36 4.01
C ILE C 29 -22.32 39.92 4.81
N SER C 30 -23.36 40.74 4.79
CA SER C 30 -24.57 40.43 5.55
C SER C 30 -25.45 39.46 4.77
N LEU C 31 -26.15 38.60 5.52
CA LEU C 31 -27.03 37.65 4.87
C LEU C 31 -28.09 38.36 4.04
N ASP C 32 -28.63 39.46 4.56
CA ASP C 32 -29.62 40.20 3.78
C ASP C 32 -28.98 40.81 2.53
N ASP C 33 -27.78 41.40 2.68
CA ASP C 33 -27.10 41.95 1.51
C ASP C 33 -26.70 40.84 0.54
N TYR C 34 -26.41 39.64 1.04
CA TYR C 34 -26.07 38.54 0.16
C TYR C 34 -27.29 38.04 -0.59
N LEU C 35 -28.44 37.94 0.09
CA LEU C 35 -29.64 37.47 -0.58
C LEU C 35 -30.16 38.45 -1.61
N SER C 36 -29.81 39.73 -1.47
CA SER C 36 -30.26 40.77 -2.39
C SER C 36 -29.31 40.97 -3.57
N SER C 37 -28.33 40.08 -3.74
CA SER C 37 -27.31 40.23 -4.78
C SER C 37 -27.12 38.90 -5.51
N PHE C 38 -27.73 38.77 -6.69
CA PHE C 38 -27.54 37.55 -7.46
C PHE C 38 -26.11 37.45 -7.98
N GLU C 39 -25.52 38.58 -8.37
CA GLU C 39 -24.16 38.57 -8.90
C GLU C 39 -23.17 38.08 -7.86
N GLN C 40 -23.27 38.58 -6.63
CA GLN C 40 -22.40 38.08 -5.58
C GLN C 40 -22.63 36.60 -5.31
N GLN C 41 -23.87 36.13 -5.44
CA GLN C 41 -24.10 34.69 -5.28
C GLN C 41 -23.43 33.91 -6.39
N LEU C 42 -23.41 34.45 -7.61
CA LEU C 42 -22.74 33.76 -8.70
C LEU C 42 -21.23 33.69 -8.45
N ILE C 43 -20.64 34.80 -8.01
CA ILE C 43 -19.21 34.83 -7.71
C ILE C 43 -18.85 33.79 -6.65
N THR C 44 -19.56 33.80 -5.51
CA THR C 44 -19.26 32.88 -4.43
C THR C 44 -19.49 31.43 -4.83
N GLU C 45 -20.59 31.14 -5.53
CA GLU C 45 -20.81 29.78 -5.98
C GLU C 45 -19.67 29.30 -6.87
N GLU C 46 -19.12 30.20 -7.67
CA GLU C 46 -18.03 29.80 -8.55
C GLU C 46 -16.74 29.59 -7.77
N LEU C 47 -16.46 30.45 -6.79
CA LEU C 47 -15.25 30.27 -5.99
C LEU C 47 -15.30 28.95 -5.21
N LEU C 48 -16.43 28.67 -4.55
CA LEU C 48 -16.54 27.42 -3.80
C LEU C 48 -16.34 26.21 -4.71
N GLN C 49 -16.77 26.31 -5.96
CA GLN C 49 -16.56 25.20 -6.86
C GLN C 49 -15.08 25.03 -7.21
N LEU C 50 -14.40 26.15 -7.48
CA LEU C 50 -12.99 26.09 -7.85
C LEU C 50 -12.15 25.55 -6.70
N ILE C 51 -12.44 25.99 -5.48
CA ILE C 51 -11.69 25.55 -4.31
C ILE C 51 -11.88 24.05 -4.08
N THR C 52 -13.13 23.62 -3.93
CA THR C 52 -13.38 22.21 -3.63
C THR C 52 -12.85 21.32 -4.74
N GLN C 53 -13.04 21.71 -6.00
CA GLN C 53 -12.60 20.89 -7.12
C GLN C 53 -11.09 20.77 -7.12
N ALA C 54 -10.40 21.85 -6.78
CA ALA C 54 -8.93 21.83 -6.70
C ALA C 54 -8.48 20.85 -5.63
N ALA C 55 -9.11 20.89 -4.46
CA ALA C 55 -8.79 19.92 -3.41
C ALA C 55 -9.09 18.51 -3.88
N ILE C 56 -10.22 18.32 -4.56
CA ILE C 56 -10.55 17.00 -5.09
C ILE C 56 -9.46 16.52 -6.03
N ASP C 57 -8.94 17.42 -6.87
CA ASP C 57 -7.87 17.06 -7.80
C ASP C 57 -6.59 16.66 -7.06
N ILE C 58 -6.24 17.40 -6.01
CA ILE C 58 -5.08 17.03 -5.21
C ILE C 58 -5.30 15.67 -4.56
N ASN C 59 -6.47 15.49 -3.93
CA ASN C 59 -6.76 14.22 -3.26
C ASN C 59 -6.72 13.06 -4.22
N ASP C 60 -7.28 13.23 -5.41
CA ASP C 60 -7.28 12.14 -6.38
C ASP C 60 -5.87 11.83 -6.84
N HIS C 61 -5.03 12.87 -6.98
CA HIS C 61 -3.66 12.67 -7.42
C HIS C 61 -2.85 11.91 -6.37
N ILE C 62 -2.95 12.33 -5.10
CA ILE C 62 -2.18 11.69 -4.03
C ILE C 62 -2.62 10.23 -3.87
N LEU C 63 -3.93 9.99 -3.79
CA LEU C 63 -4.42 8.63 -3.66
C LEU C 63 -4.19 7.81 -4.93
N SER C 64 -3.91 8.48 -6.05
CA SER C 64 -3.61 7.76 -7.29
C SER C 64 -2.27 7.01 -7.19
N LYS C 65 -1.36 7.50 -6.36
CA LYS C 65 -0.04 6.90 -6.21
C LYS C 65 0.10 6.05 -4.96
N LEU C 66 -0.51 6.46 -3.84
CA LEU C 66 -0.39 5.70 -2.60
C LEU C 66 -1.23 4.43 -2.65
N LYS C 67 -2.53 4.57 -2.89
CA LYS C 67 -3.43 3.44 -3.06
C LYS C 67 -3.80 3.37 -4.54
N SER C 68 -2.82 3.00 -5.35
CA SER C 68 -3.00 2.94 -6.79
C SER C 68 -3.98 1.83 -7.16
N GLY C 69 -4.93 2.16 -8.05
CA GLY C 69 -5.93 1.21 -8.48
C GLY C 69 -7.22 1.26 -7.68
N LYS C 70 -7.19 1.73 -6.45
CA LYS C 70 -8.38 1.77 -5.61
C LYS C 70 -9.29 2.91 -6.07
N SER C 71 -10.59 2.65 -6.03
CA SER C 71 -11.59 3.63 -6.42
C SER C 71 -12.07 4.38 -5.18
N TYR C 72 -12.07 5.71 -5.25
CA TYR C 72 -12.55 6.55 -4.18
C TYR C 72 -13.59 7.53 -4.68
N THR C 73 -14.67 7.69 -3.93
CA THR C 73 -15.53 8.83 -4.19
C THR C 73 -14.88 10.06 -3.58
N ASN C 74 -15.36 11.24 -3.96
CA ASN C 74 -14.80 12.47 -3.44
C ASN C 74 -14.84 12.49 -1.91
N PHE C 75 -15.90 11.94 -1.32
CA PHE C 75 -16.05 11.95 0.12
C PHE C 75 -15.06 11.00 0.79
N GLU C 76 -15.02 9.74 0.33
CA GLU C 76 -14.10 8.81 0.94
C GLU C 76 -12.66 9.22 0.72
N ALA C 77 -12.38 9.99 -0.33
CA ALA C 77 -11.02 10.44 -0.58
C ALA C 77 -10.51 11.29 0.56
N PHE C 78 -11.32 12.24 1.02
CA PHE C 78 -10.95 13.03 2.19
C PHE C 78 -10.73 12.13 3.41
N ILE C 79 -11.64 11.18 3.62
CA ILE C 79 -11.52 10.31 4.79
C ILE C 79 -10.25 9.48 4.70
N GLU C 80 -9.92 8.98 3.50
CA GLU C 80 -8.74 8.14 3.35
C GLU C 80 -7.46 8.93 3.55
N LEU C 81 -7.46 10.23 3.21
CA LEU C 81 -6.33 11.08 3.53
C LEU C 81 -6.19 11.31 5.02
N GLY C 82 -7.28 11.19 5.78
CA GLY C 82 -7.23 11.27 7.22
C GLY C 82 -6.73 10.00 7.88
N LYS C 83 -7.09 8.84 7.32
CA LYS C 83 -6.63 7.59 7.89
C LYS C 83 -5.12 7.41 7.74
N TYR C 84 -4.55 7.93 6.66
CA TYR C 84 -3.13 7.82 6.39
C TYR C 84 -2.32 9.01 6.88
N GLN C 85 -2.92 9.88 7.70
CA GLN C 85 -2.26 10.98 8.39
C GLN C 85 -1.72 12.06 7.46
N ILE C 86 -2.09 12.03 6.18
CA ILE C 86 -1.76 13.13 5.29
C ILE C 86 -2.52 14.39 5.71
N LEU C 87 -3.80 14.22 6.08
CA LEU C 87 -4.57 15.21 6.82
C LEU C 87 -4.84 14.66 8.21
N THR C 88 -5.03 15.54 9.20
CA THR C 88 -5.49 15.06 10.51
C THR C 88 -6.90 14.49 10.37
N PRO C 89 -7.21 13.39 11.06
CA PRO C 89 -8.57 12.86 10.98
C PRO C 89 -9.64 13.87 11.35
N GLU C 90 -9.34 14.79 12.26
CA GLU C 90 -10.29 15.84 12.60
C GLU C 90 -10.61 16.71 11.39
N LEU C 91 -9.58 17.22 10.73
CA LEU C 91 -9.82 18.06 9.55
C LEU C 91 -10.47 17.26 8.44
N ALA C 92 -10.09 15.99 8.29
CA ALA C 92 -10.72 15.17 7.27
C ALA C 92 -12.22 15.06 7.49
N LYS C 93 -12.65 14.86 8.74
CA LYS C 93 -14.08 14.77 9.00
C LYS C 93 -14.78 16.10 8.81
N GLN C 94 -14.16 17.19 9.26
CA GLN C 94 -14.81 18.49 9.16
C GLN C 94 -14.86 19.00 7.72
N ILE C 95 -13.92 18.58 6.86
CA ILE C 95 -13.85 19.12 5.51
C ILE C 95 -14.43 18.19 4.45
N ALA C 96 -14.58 16.90 4.74
CA ALA C 96 -15.14 15.96 3.76
C ALA C 96 -16.53 16.35 3.26
N PRO C 97 -17.41 17.01 4.04
CA PRO C 97 -18.67 17.50 3.46
C PRO C 97 -18.51 18.47 2.31
N SER C 98 -17.30 18.98 2.03
CA SER C 98 -17.12 19.85 0.86
C SER C 98 -17.48 19.14 -0.43
N SER C 99 -17.23 17.83 -0.50
CA SER C 99 -17.53 17.12 -1.74
C SER C 99 -19.03 17.10 -2.02
N GLY C 100 -19.86 17.11 -0.97
CA GLY C 100 -21.30 17.23 -1.19
C GLY C 100 -21.74 18.65 -1.50
N LEU C 101 -20.97 19.65 -1.07
CA LEU C 101 -21.28 21.02 -1.43
C LEU C 101 -20.92 21.28 -2.89
N ARG C 102 -19.94 20.54 -3.42
CA ARG C 102 -19.54 20.74 -4.80
C ARG C 102 -20.54 20.13 -5.76
N ASN C 103 -21.15 19.00 -5.38
CA ASN C 103 -22.07 18.31 -6.27
C ASN C 103 -23.39 19.06 -6.42
N ARG C 104 -23.84 19.75 -5.37
CA ARG C 104 -25.02 20.60 -5.51
C ARG C 104 -24.76 21.74 -6.48
N LEU C 105 -23.64 22.44 -6.31
CA LEU C 105 -23.31 23.53 -7.23
C LEU C 105 -23.15 23.02 -8.66
N VAL C 106 -22.32 22.00 -8.86
CA VAL C 106 -22.05 21.44 -10.18
C VAL C 106 -23.29 20.86 -10.85
N HIS C 107 -24.38 20.67 -10.10
CA HIS C 107 -25.61 20.15 -10.71
C HIS C 107 -26.78 20.75 -9.94
N GLU C 108 -27.10 22.01 -10.26
CA GLU C 108 -28.22 22.68 -9.60
C GLU C 108 -29.56 22.06 -10.01
N TYR C 109 -29.78 20.79 -9.68
CA TYR C 109 -31.00 20.11 -10.11
C TYR C 109 -32.17 20.43 -9.19
N ASP C 110 -31.91 20.59 -7.90
CA ASP C 110 -32.94 20.87 -6.92
C ASP C 110 -33.12 22.36 -6.64
N ASP C 111 -32.29 23.23 -7.26
CA ASP C 111 -32.32 24.67 -7.01
C ASP C 111 -32.02 24.95 -5.54
N ILE C 112 -30.72 24.84 -5.21
CA ILE C 112 -30.31 24.89 -3.80
C ILE C 112 -30.43 26.30 -3.23
N ASP C 113 -30.43 26.37 -1.92
CA ASP C 113 -30.76 27.60 -1.21
C ASP C 113 -29.54 28.51 -1.07
N PRO C 114 -29.66 29.81 -1.37
CA PRO C 114 -28.52 30.71 -1.09
C PRO C 114 -28.15 30.76 0.38
N ASN C 115 -29.10 30.47 1.29
CA ASN C 115 -28.78 30.47 2.71
C ASN C 115 -27.73 29.40 3.06
N GLN C 116 -27.76 28.26 2.37
CA GLN C 116 -26.74 27.24 2.59
C GLN C 116 -25.41 27.63 1.97
N VAL C 117 -25.45 28.27 0.80
CA VAL C 117 -24.22 28.75 0.19
C VAL C 117 -23.60 29.85 1.03
N PHE C 118 -24.43 30.72 1.62
CA PHE C 118 -23.92 31.72 2.54
C PHE C 118 -23.21 31.05 3.72
N MET C 119 -23.78 29.95 4.22
CA MET C 119 -23.14 29.20 5.30
C MET C 119 -21.82 28.59 4.84
N ALA C 120 -21.76 28.15 3.57
CA ALA C 120 -20.55 27.50 3.07
C ALA C 120 -19.38 28.47 2.92
N ILE C 121 -19.67 29.76 2.73
CA ILE C 121 -18.60 30.75 2.64
C ILE C 121 -17.79 30.74 3.91
N SER C 122 -18.46 30.88 5.05
CA SER C 122 -17.77 30.88 6.33
C SER C 122 -17.08 29.55 6.57
N PHE C 123 -17.68 28.45 6.12
CA PHE C 123 -17.06 27.14 6.27
C PHE C 123 -15.73 27.07 5.53
N ALA C 124 -15.72 27.42 4.24
CA ALA C 124 -14.51 27.28 3.45
C ALA C 124 -13.42 28.21 3.96
N LEU C 125 -13.78 29.40 4.43
CA LEU C 125 -12.78 30.32 4.94
C LEU C 125 -12.16 29.82 6.23
N GLN C 126 -12.79 28.83 6.87
CA GLN C 126 -12.26 28.30 8.12
C GLN C 126 -11.53 26.98 7.94
N GLN C 127 -12.02 26.11 7.07
CA GLN C 127 -11.44 24.78 6.96
C GLN C 127 -10.38 24.68 5.86
N TYR C 128 -10.52 25.42 4.78
CA TYR C 128 -9.64 25.16 3.65
C TYR C 128 -8.24 25.74 3.84
N PRO C 129 -8.04 26.88 4.51
CA PRO C 129 -6.67 27.25 4.87
C PRO C 129 -5.95 26.15 5.62
N LEU C 130 -6.61 25.50 6.58
CA LEU C 130 -5.99 24.38 7.26
C LEU C 130 -5.64 23.26 6.29
N TYR C 131 -6.49 23.05 5.29
CA TYR C 131 -6.17 22.07 4.26
C TYR C 131 -4.90 22.45 3.51
N VAL C 132 -4.74 23.74 3.19
CA VAL C 132 -3.51 24.17 2.52
C VAL C 132 -2.31 23.91 3.41
N ARG C 133 -2.39 24.29 4.69
CA ARG C 133 -1.29 24.05 5.62
C ARG C 133 -0.95 22.56 5.69
N GLN C 134 -1.96 21.71 5.82
CA GLN C 134 -1.64 20.30 6.01
C GLN C 134 -1.05 19.66 4.75
N ILE C 135 -1.58 20.02 3.57
CA ILE C 135 -1.01 19.46 2.35
C ILE C 135 0.42 19.96 2.16
N ASN C 136 0.66 21.22 2.51
CA ASN C 136 2.01 21.78 2.41
C ASN C 136 2.97 21.02 3.32
N SER C 137 2.54 20.68 4.54
CA SER C 137 3.40 19.92 5.44
C SER C 137 3.64 18.51 4.92
N TYR C 138 2.62 17.90 4.31
CA TYR C 138 2.83 16.60 3.71
C TYR C 138 3.90 16.68 2.63
N LEU C 139 3.93 17.77 1.87
CA LEU C 139 4.93 17.93 0.82
C LEU C 139 6.34 18.03 1.41
N ILE C 140 6.51 18.85 2.45
CA ILE C 140 7.80 18.95 3.11
C ILE C 140 8.24 17.59 3.60
N THR C 141 7.29 16.77 4.04
CA THR C 141 7.60 15.42 4.46
C THR C 141 8.15 14.57 3.31
N LEU C 142 7.64 14.75 2.10
CA LEU C 142 8.09 13.90 1.00
C LEU C 142 9.52 14.24 0.55
N GLU C 143 9.84 15.52 0.45
CA GLU C 143 11.17 15.92 -0.04
C GLU C 143 12.25 15.57 0.97
N GLU C 144 11.99 15.80 2.24
CA GLU C 144 12.95 15.58 3.32
C GLU C 144 12.90 14.17 3.90
N GLU C 145 12.23 13.23 3.23
CA GLU C 145 12.16 11.86 3.71
C GLU C 145 11.90 10.89 2.56
N ASN D 3 -45.30 10.42 -21.38
CA ASN D 3 -44.80 10.31 -20.01
C ASN D 3 -43.77 11.42 -19.74
N ILE D 4 -44.08 12.64 -20.19
CA ILE D 4 -43.20 13.79 -20.05
C ILE D 4 -43.87 14.80 -19.12
N GLU D 5 -43.08 15.48 -18.29
CA GLU D 5 -43.61 16.45 -17.35
C GLU D 5 -43.30 17.87 -17.81
N PRO D 6 -44.24 18.54 -18.50
CA PRO D 6 -43.96 19.92 -18.97
C PRO D 6 -43.57 20.87 -17.87
N VAL D 7 -44.16 20.71 -16.67
CA VAL D 7 -43.90 21.63 -15.57
C VAL D 7 -42.43 21.55 -15.14
N ILE D 8 -41.81 20.38 -15.29
CA ILE D 8 -40.39 20.26 -15.00
C ILE D 8 -39.57 20.98 -16.07
N ILE D 9 -39.94 20.78 -17.35
CA ILE D 9 -39.25 21.45 -18.44
C ILE D 9 -39.54 22.95 -18.42
N GLU D 10 -40.78 23.34 -18.14
CA GLU D 10 -41.10 24.77 -18.15
C GLU D 10 -40.32 25.52 -17.08
N THR D 11 -40.00 24.86 -15.96
CA THR D 11 -39.20 25.51 -14.93
C THR D 11 -37.77 25.72 -15.40
N ARG D 12 -37.18 24.72 -16.08
CA ARG D 12 -35.81 24.86 -16.57
C ARG D 12 -35.74 25.95 -17.63
N LEU D 13 -36.73 26.01 -18.52
CA LEU D 13 -36.79 27.06 -19.53
C LEU D 13 -36.90 28.43 -18.90
N GLU D 14 -37.70 28.56 -17.84
CA GLU D 14 -37.82 29.85 -17.17
C GLU D 14 -36.50 30.25 -16.54
N LEU D 15 -35.75 29.27 -16.03
CA LEU D 15 -34.41 29.55 -15.50
C LEU D 15 -33.46 29.95 -16.62
N ILE D 16 -33.47 29.22 -17.74
CA ILE D 16 -32.59 29.55 -18.86
C ILE D 16 -32.80 31.00 -19.29
N GLY D 17 -34.06 31.41 -19.43
CA GLY D 17 -34.33 32.79 -19.76
C GLY D 17 -33.87 33.74 -18.67
N ARG D 18 -34.01 33.34 -17.41
CA ARG D 18 -33.54 34.19 -16.33
C ARG D 18 -32.04 34.41 -16.42
N TYR D 19 -31.29 33.32 -16.60
CA TYR D 19 -29.84 33.40 -16.73
C TYR D 19 -29.45 34.19 -17.98
N LEU D 20 -30.13 33.93 -19.10
CA LEU D 20 -29.81 34.64 -20.33
C LEU D 20 -30.04 36.14 -20.17
N ASP D 21 -31.08 36.53 -19.44
CA ASP D 21 -31.29 37.96 -19.20
C ASP D 21 -30.13 38.55 -18.43
N HIS D 22 -29.59 37.80 -17.46
CA HIS D 22 -28.39 38.27 -16.76
C HIS D 22 -27.18 38.28 -17.69
N LEU D 23 -27.03 37.22 -18.49
CA LEU D 23 -25.88 37.13 -19.41
C LEU D 23 -25.87 38.26 -20.43
N LYS D 24 -27.05 38.80 -20.79
CA LYS D 24 -27.07 39.87 -21.78
C LYS D 24 -26.43 41.15 -21.27
N LYS D 25 -26.25 41.30 -19.95
CA LYS D 25 -25.57 42.48 -19.44
C LYS D 25 -24.08 42.51 -19.82
N PHE D 26 -23.53 41.40 -20.29
CA PHE D 26 -22.16 41.33 -20.76
C PHE D 26 -22.07 41.33 -22.27
N GLU D 27 -23.14 41.70 -22.96
CA GLU D 27 -23.16 41.56 -24.41
C GLU D 27 -22.15 42.50 -25.06
N ASN D 28 -21.94 43.68 -24.47
CA ASN D 28 -21.07 44.71 -25.02
C ASN D 28 -19.78 44.91 -24.22
N ILE D 29 -19.33 43.88 -23.50
CA ILE D 29 -18.12 44.01 -22.70
C ILE D 29 -16.92 43.80 -23.62
N SER D 30 -15.86 44.60 -23.42
CA SER D 30 -14.69 44.50 -24.27
C SER D 30 -13.82 43.33 -23.83
N LEU D 31 -13.19 42.67 -24.81
CA LEU D 31 -12.31 41.55 -24.47
C LEU D 31 -11.18 42.00 -23.56
N ASP D 32 -10.60 43.17 -23.84
CA ASP D 32 -9.56 43.70 -22.95
C ASP D 32 -10.15 44.02 -21.58
N ASP D 33 -11.33 44.65 -21.56
CA ASP D 33 -11.98 44.94 -20.30
C ASP D 33 -12.42 43.66 -19.58
N TYR D 34 -12.78 42.62 -20.32
CA TYR D 34 -13.18 41.35 -19.70
C TYR D 34 -11.98 40.59 -19.15
N LEU D 35 -10.86 40.59 -19.87
CA LEU D 35 -9.69 39.87 -19.39
C LEU D 35 -9.09 40.53 -18.16
N SER D 36 -9.39 41.82 -17.95
CA SER D 36 -8.86 42.58 -16.83
C SER D 36 -9.76 42.56 -15.60
N SER D 37 -10.79 41.72 -15.58
CA SER D 37 -11.75 41.69 -14.47
C SER D 37 -12.04 40.24 -14.10
N PHE D 38 -11.43 39.77 -13.00
CA PHE D 38 -11.67 38.41 -12.57
C PHE D 38 -13.12 38.22 -12.11
N GLU D 39 -13.71 39.23 -11.49
CA GLU D 39 -15.08 39.09 -11.00
C GLU D 39 -16.06 38.87 -12.15
N GLN D 40 -15.92 39.65 -13.23
CA GLN D 40 -16.77 39.43 -14.40
C GLN D 40 -16.56 38.06 -15.02
N GLN D 41 -15.34 37.53 -14.97
CA GLN D 41 -15.10 36.19 -15.51
C GLN D 41 -15.82 35.12 -14.69
N LEU D 42 -15.87 35.27 -13.36
CA LEU D 42 -16.55 34.27 -12.54
C LEU D 42 -18.05 34.24 -12.81
N ILE D 43 -18.66 35.42 -12.92
CA ILE D 43 -20.09 35.52 -13.21
C ILE D 43 -20.41 34.83 -14.53
N THR D 44 -19.66 35.16 -15.58
CA THR D 44 -19.95 34.59 -16.90
C THR D 44 -19.76 33.07 -16.89
N GLU D 45 -18.69 32.59 -16.25
CA GLU D 45 -18.49 31.15 -16.15
C GLU D 45 -19.64 30.50 -15.39
N GLU D 46 -20.15 31.16 -14.36
CA GLU D 46 -21.24 30.57 -13.59
C GLU D 46 -22.54 30.60 -14.39
N LEU D 47 -22.81 31.70 -15.10
CA LEU D 47 -24.00 31.80 -15.95
C LEU D 47 -23.98 30.73 -17.04
N LEU D 48 -22.85 30.60 -17.74
CA LEU D 48 -22.75 29.56 -18.76
C LEU D 48 -22.93 28.16 -18.17
N GLN D 49 -22.50 27.94 -16.92
CA GLN D 49 -22.74 26.64 -16.31
C GLN D 49 -24.22 26.42 -16.04
N LEU D 50 -24.89 27.43 -15.52
CA LEU D 50 -26.31 27.31 -15.21
C LEU D 50 -27.14 27.11 -16.47
N ILE D 51 -26.82 27.86 -17.53
CA ILE D 51 -27.57 27.72 -18.78
C ILE D 51 -27.40 26.32 -19.36
N THR D 52 -26.15 25.90 -19.57
CA THR D 52 -25.89 24.63 -20.21
C THR D 52 -26.46 23.47 -19.41
N GLN D 53 -26.34 23.53 -18.08
CA GLN D 53 -26.83 22.44 -17.25
C GLN D 53 -28.35 22.33 -17.33
N ALA D 54 -29.05 23.47 -17.36
CA ALA D 54 -30.50 23.43 -17.49
C ALA D 54 -30.90 22.80 -18.81
N ALA D 55 -30.22 23.17 -19.90
CA ALA D 55 -30.50 22.54 -21.19
C ALA D 55 -30.19 21.05 -21.15
N ILE D 56 -29.07 20.68 -20.51
CA ILE D 56 -28.73 19.27 -20.38
C ILE D 56 -29.80 18.52 -19.59
N ASP D 57 -30.34 19.16 -18.54
CA ASP D 57 -31.40 18.52 -17.77
C ASP D 57 -32.66 18.32 -18.60
N ILE D 58 -33.02 19.31 -19.42
CA ILE D 58 -34.20 19.17 -20.29
C ILE D 58 -34.00 18.00 -21.25
N ASN D 59 -32.82 17.94 -21.90
CA ASN D 59 -32.54 16.89 -22.87
C ASN D 59 -32.60 15.51 -22.25
N ASP D 60 -32.05 15.34 -21.04
CA ASP D 60 -32.08 14.03 -20.40
C ASP D 60 -33.51 13.66 -20.02
N HIS D 61 -34.32 14.64 -19.60
CA HIS D 61 -35.71 14.37 -19.24
C HIS D 61 -36.53 13.95 -20.46
N ILE D 62 -36.39 14.68 -21.57
CA ILE D 62 -37.13 14.34 -22.77
C ILE D 62 -36.72 12.96 -23.27
N LEU D 63 -35.40 12.73 -23.39
CA LEU D 63 -34.89 11.44 -23.84
C LEU D 63 -35.15 10.33 -22.83
N SER D 64 -35.49 10.68 -21.58
CA SER D 64 -35.84 9.66 -20.61
C SER D 64 -37.14 8.97 -20.98
N LYS D 65 -38.02 9.65 -21.70
CA LYS D 65 -39.32 9.10 -22.07
C LYS D 65 -39.36 8.54 -23.48
N LEU D 66 -38.60 9.12 -24.41
CA LEU D 66 -38.61 8.66 -25.78
C LEU D 66 -37.86 7.34 -25.91
N LYS D 67 -36.57 7.33 -25.58
CA LYS D 67 -35.75 6.14 -25.60
C LYS D 67 -35.41 5.73 -24.17
N SER D 68 -36.42 5.18 -23.48
CA SER D 68 -36.26 4.81 -22.08
C SER D 68 -35.24 3.68 -21.95
N GLY D 69 -34.30 3.86 -21.02
CA GLY D 69 -33.25 2.89 -20.76
C GLY D 69 -31.95 3.16 -21.49
N LYS D 70 -32.00 3.79 -22.67
CA LYS D 70 -30.79 4.09 -23.42
C LYS D 70 -30.06 5.28 -22.81
N SER D 71 -28.73 5.18 -22.73
CA SER D 71 -27.88 6.22 -22.17
C SER D 71 -27.28 7.07 -23.28
N TYR D 72 -27.39 8.40 -23.15
CA TYR D 72 -26.83 9.35 -24.10
C TYR D 72 -25.92 10.30 -23.35
N THR D 73 -24.76 10.60 -23.93
CA THR D 73 -23.92 11.64 -23.38
C THR D 73 -24.48 13.01 -23.73
N ASN D 74 -23.98 14.03 -23.02
CA ASN D 74 -24.47 15.38 -23.24
C ASN D 74 -24.36 15.78 -24.71
N PHE D 75 -23.28 15.37 -25.37
CA PHE D 75 -23.09 15.72 -26.76
C PHE D 75 -24.11 15.02 -27.65
N GLU D 76 -24.14 13.69 -27.61
CA GLU D 76 -25.06 12.96 -28.47
C GLU D 76 -26.51 13.22 -28.10
N ALA D 77 -26.78 13.66 -26.86
CA ALA D 77 -28.16 13.99 -26.49
C ALA D 77 -28.70 15.14 -27.34
N PHE D 78 -27.90 16.19 -27.54
CA PHE D 78 -28.31 17.27 -28.43
C PHE D 78 -28.53 16.75 -29.85
N ILE D 79 -27.62 15.93 -30.35
CA ILE D 79 -27.77 15.38 -31.68
C ILE D 79 -29.03 14.51 -31.76
N GLU D 80 -29.33 13.77 -30.69
CA GLU D 80 -30.53 12.94 -30.71
C GLU D 80 -31.79 13.79 -30.74
N LEU D 81 -31.74 15.00 -30.15
CA LEU D 81 -32.88 15.91 -30.29
C LEU D 81 -33.06 16.39 -31.72
N GLY D 82 -31.99 16.42 -32.50
CA GLY D 82 -32.12 16.74 -33.91
C GLY D 82 -32.61 15.56 -34.72
N LYS D 83 -32.17 14.36 -34.33
CA LYS D 83 -32.62 13.15 -35.03
C LYS D 83 -34.10 12.87 -34.77
N TYR D 84 -34.61 13.24 -33.59
CA TYR D 84 -36.03 13.06 -33.25
C TYR D 84 -36.87 14.29 -33.58
N GLN D 85 -36.30 15.28 -34.27
CA GLN D 85 -36.98 16.47 -34.79
C GLN D 85 -37.53 17.40 -33.70
N ILE D 86 -37.18 17.17 -32.43
CA ILE D 86 -37.57 18.12 -31.40
C ILE D 86 -36.83 19.44 -31.57
N LEU D 87 -35.57 19.38 -31.96
CA LEU D 87 -34.81 20.54 -32.41
C LEU D 87 -34.52 20.41 -33.91
N THR D 88 -34.39 21.55 -34.58
CA THR D 88 -33.92 21.52 -35.97
C THR D 88 -32.46 21.05 -36.02
N PRO D 89 -32.10 20.22 -36.99
CA PRO D 89 -30.71 19.75 -37.08
C PRO D 89 -29.68 20.85 -37.15
N GLU D 90 -30.01 22.00 -37.74
CA GLU D 90 -29.06 23.12 -37.77
C GLU D 90 -28.70 23.57 -36.36
N LEU D 91 -29.71 23.79 -35.51
CA LEU D 91 -29.45 24.23 -34.15
C LEU D 91 -28.79 23.12 -33.32
N ALA D 92 -29.20 21.88 -33.53
CA ALA D 92 -28.59 20.76 -32.80
C ALA D 92 -27.09 20.68 -33.07
N LYS D 93 -26.67 20.86 -34.33
CA LYS D 93 -25.25 20.83 -34.64
C LYS D 93 -24.54 22.05 -34.06
N GLN D 94 -25.18 23.21 -34.14
CA GLN D 94 -24.55 24.44 -33.68
C GLN D 94 -24.48 24.53 -32.15
N ILE D 95 -25.39 23.88 -31.44
CA ILE D 95 -25.47 24.02 -29.99
C ILE D 95 -24.85 22.85 -29.23
N ALA D 96 -24.68 21.69 -29.86
CA ALA D 96 -24.11 20.54 -29.17
C ALA D 96 -22.73 20.79 -28.57
N PRO D 97 -21.84 21.60 -29.16
CA PRO D 97 -20.57 21.89 -28.48
C PRO D 97 -20.74 22.55 -27.12
N SER D 98 -21.94 23.04 -26.79
CA SER D 98 -22.12 23.58 -25.45
C SER D 98 -21.86 22.51 -24.39
N SER D 99 -22.15 21.25 -24.72
CA SER D 99 -21.90 20.17 -23.76
C SER D 99 -20.42 20.02 -23.43
N GLY D 100 -19.52 20.31 -24.39
CA GLY D 100 -18.11 20.29 -24.07
C GLY D 100 -17.65 21.49 -23.27
N LEU D 101 -18.37 22.62 -23.41
CA LEU D 101 -18.04 23.79 -22.61
C LEU D 101 -18.46 23.61 -21.18
N ARG D 102 -19.47 22.79 -20.94
CA ARG D 102 -19.97 22.60 -19.59
C ARG D 102 -19.01 21.74 -18.79
N ASN D 103 -18.42 20.72 -19.43
CA ASN D 103 -17.49 19.86 -18.73
C ASN D 103 -16.19 20.59 -18.41
N ARG D 104 -15.73 21.43 -19.34
CA ARG D 104 -14.53 22.22 -19.07
C ARG D 104 -14.74 23.16 -17.89
N LEU D 105 -15.91 23.80 -17.80
CA LEU D 105 -16.18 24.70 -16.69
C LEU D 105 -16.30 23.93 -15.38
N VAL D 106 -17.04 22.82 -15.38
CA VAL D 106 -17.33 22.09 -14.14
C VAL D 106 -16.11 21.37 -13.59
N HIS D 107 -15.06 21.20 -14.38
CA HIS D 107 -13.82 20.58 -13.91
C HIS D 107 -12.64 21.34 -14.50
N GLU D 108 -12.24 22.42 -13.84
CA GLU D 108 -11.10 23.20 -14.31
C GLU D 108 -9.79 22.43 -14.08
N TYR D 109 -9.36 21.69 -15.10
CA TYR D 109 -8.13 20.90 -15.07
C TYR D 109 -7.00 21.61 -15.80
N ASP D 110 -7.24 22.06 -17.04
CA ASP D 110 -6.22 22.73 -17.84
C ASP D 110 -6.33 24.25 -17.77
N ASP D 111 -6.64 24.82 -16.61
CA ASP D 111 -6.75 26.27 -16.38
C ASP D 111 -7.32 27.01 -17.59
N ILE D 112 -8.61 26.76 -17.85
CA ILE D 112 -9.30 27.31 -19.03
C ILE D 112 -9.18 28.83 -19.03
N ASP D 113 -8.79 29.39 -20.19
CA ASP D 113 -8.48 30.79 -20.43
C ASP D 113 -9.73 31.58 -20.74
N PRO D 114 -9.85 32.79 -20.17
CA PRO D 114 -11.05 33.61 -20.42
C PRO D 114 -11.31 33.92 -21.88
N ASN D 115 -10.28 33.89 -22.73
CA ASN D 115 -10.49 34.15 -24.16
C ASN D 115 -11.45 33.13 -24.77
N GLN D 116 -11.41 31.87 -24.31
CA GLN D 116 -12.36 30.88 -24.81
C GLN D 116 -13.74 31.09 -24.20
N VAL D 117 -13.78 31.46 -22.92
CA VAL D 117 -15.06 31.76 -22.27
C VAL D 117 -15.69 32.99 -22.87
N PHE D 118 -14.88 34.02 -23.16
CA PHE D 118 -15.41 35.23 -23.76
C PHE D 118 -16.10 34.94 -25.08
N MET D 119 -15.57 33.98 -25.85
CA MET D 119 -16.23 33.58 -27.08
C MET D 119 -17.60 32.98 -26.80
N ALA D 120 -17.74 32.24 -25.69
CA ALA D 120 -18.99 31.55 -25.40
C ALA D 120 -20.12 32.49 -25.03
N ILE D 121 -19.81 33.71 -24.57
CA ILE D 121 -20.86 34.68 -24.24
C ILE D 121 -21.70 34.99 -25.48
N SER D 122 -21.05 35.42 -26.57
CA SER D 122 -21.78 35.72 -27.80
C SER D 122 -22.43 34.47 -28.37
N PHE D 123 -21.79 33.31 -28.19
CA PHE D 123 -22.38 32.05 -28.61
C PHE D 123 -23.69 31.79 -27.88
N ALA D 124 -23.69 31.90 -26.55
CA ALA D 124 -24.88 31.59 -25.79
C ALA D 124 -26.00 32.59 -26.06
N LEU D 125 -25.66 33.87 -26.23
CA LEU D 125 -26.69 34.87 -26.46
C LEU D 125 -27.39 34.73 -27.82
N GLN D 126 -26.79 33.98 -28.75
CA GLN D 126 -27.39 33.79 -30.07
C GLN D 126 -28.05 32.43 -30.23
N GLN D 127 -27.48 31.39 -29.64
CA GLN D 127 -27.97 30.04 -29.85
C GLN D 127 -28.96 29.56 -28.79
N TYR D 128 -28.83 30.02 -27.55
CA TYR D 128 -29.71 29.47 -26.51
C TYR D 128 -31.11 30.09 -26.51
N PRO D 129 -31.29 31.37 -26.86
CA PRO D 129 -32.66 31.86 -27.09
C PRO D 129 -33.43 31.02 -28.11
N LEU D 130 -32.76 30.59 -29.19
CA LEU D 130 -33.42 29.70 -30.15
C LEU D 130 -33.82 28.37 -29.51
N TYR D 131 -32.99 27.86 -28.59
CA TYR D 131 -33.30 26.63 -27.89
C TYR D 131 -34.56 26.76 -27.06
N VAL D 132 -34.73 27.91 -26.39
CA VAL D 132 -35.95 28.14 -25.62
C VAL D 132 -37.16 28.16 -26.53
N ARG D 133 -37.07 28.85 -27.67
CA ARG D 133 -38.20 28.88 -28.58
C ARG D 133 -38.55 27.47 -29.05
N GLN D 134 -37.55 26.71 -29.51
CA GLN D 134 -37.87 25.42 -30.12
C GLN D 134 -38.43 24.44 -29.10
N ILE D 135 -37.90 24.47 -27.89
CA ILE D 135 -38.47 23.63 -26.83
C ILE D 135 -39.87 24.12 -26.48
N ASN D 136 -40.07 25.43 -26.45
CA ASN D 136 -41.40 25.97 -26.15
C ASN D 136 -42.43 25.56 -27.19
N SER D 137 -42.05 25.60 -28.47
CA SER D 137 -42.97 25.17 -29.50
C SER D 137 -43.22 23.67 -29.42
N TYR D 138 -42.18 22.90 -29.07
CA TYR D 138 -42.37 21.46 -28.87
C TYR D 138 -43.32 21.20 -27.72
N LEU D 139 -43.25 22.01 -26.66
CA LEU D 139 -44.19 21.86 -25.55
C LEU D 139 -45.59 22.27 -25.97
N ILE D 140 -45.74 23.42 -26.62
CA ILE D 140 -47.06 23.83 -27.08
C ILE D 140 -47.62 22.80 -28.06
N THR D 141 -46.75 22.24 -28.90
CA THR D 141 -47.17 21.17 -29.82
C THR D 141 -47.64 19.94 -29.06
N LEU D 142 -47.06 19.67 -27.89
CA LEU D 142 -47.40 18.47 -27.16
C LEU D 142 -48.83 18.52 -26.61
N GLU D 143 -49.30 19.70 -26.20
CA GLU D 143 -50.64 19.81 -25.62
C GLU D 143 -51.73 19.42 -26.62
N GLU D 144 -51.55 19.79 -27.89
CA GLU D 144 -52.54 19.49 -28.92
C GLU D 144 -52.34 18.11 -29.53
N LYS E 4 15.95 0.66 20.70
CA LYS E 4 14.65 1.33 20.69
C LYS E 4 13.51 0.34 20.44
N ILE E 5 12.53 0.33 21.34
CA ILE E 5 11.36 -0.53 21.27
C ILE E 5 10.15 0.35 21.01
N PRO E 6 9.57 0.31 19.81
CA PRO E 6 8.48 1.23 19.48
C PRO E 6 7.15 0.83 20.10
N THR E 7 6.35 1.85 20.42
CA THR E 7 5.02 1.61 20.96
C THR E 7 4.07 1.19 19.83
N ILE E 8 2.97 0.54 20.21
CA ILE E 8 1.99 0.08 19.22
C ILE E 8 1.48 1.23 18.39
N ALA E 9 1.25 2.39 19.01
CA ALA E 9 0.86 3.58 18.27
C ALA E 9 1.93 3.95 17.25
N GLU E 10 3.21 3.87 17.63
CA GLU E 10 4.28 4.17 16.70
C GLU E 10 4.28 3.16 15.55
N LEU E 11 4.07 1.87 15.86
CA LEU E 11 4.00 0.86 14.82
C LEU E 11 2.85 1.14 13.86
N ARG E 12 1.73 1.64 14.39
CA ARG E 12 0.57 1.90 13.54
C ARG E 12 0.84 3.03 12.57
N GLU E 13 1.63 4.02 12.97
CA GLU E 13 2.01 5.08 12.03
C GLU E 13 2.96 4.54 10.96
N LEU E 14 3.96 3.77 11.38
CA LEU E 14 4.96 3.27 10.45
C LEU E 14 4.39 2.25 9.49
N SER E 15 3.31 1.56 9.87
CA SER E 15 2.78 0.52 9.00
C SER E 15 2.17 1.09 7.74
N LEU E 16 1.79 2.37 7.75
CA LEU E 16 1.17 2.98 6.58
C LEU E 16 2.10 2.95 5.38
N ARG E 17 3.41 2.92 5.63
CA ARG E 17 4.44 2.91 4.60
C ARG E 17 4.63 1.54 3.98
N LEU E 18 3.89 0.53 4.42
CA LEU E 18 4.06 -0.81 3.89
C LEU E 18 3.44 -0.95 2.50
N LEU E 19 2.47 -0.11 2.16
CA LEU E 19 1.81 -0.23 0.86
C LEU E 19 2.79 -0.05 -0.29
N THR E 20 3.79 0.81 -0.13
CA THR E 20 4.79 0.97 -1.18
C THR E 20 5.63 -0.28 -1.33
N LYS E 21 6.20 -0.77 -0.22
CA LYS E 21 7.08 -1.93 -0.30
C LYS E 21 6.31 -3.25 -0.36
N ILE E 22 5.12 -3.31 0.24
CA ILE E 22 4.30 -4.51 0.16
C ILE E 22 2.94 -4.09 -0.36
N PRO E 23 2.74 -4.00 -1.69
CA PRO E 23 1.46 -3.51 -2.21
C PRO E 23 0.30 -4.46 -1.96
N TYR E 24 0.56 -5.77 -2.00
CA TYR E 24 -0.46 -6.78 -1.85
C TYR E 24 -0.87 -6.98 -0.40
N LEU E 25 -0.30 -6.23 0.52
CA LEU E 25 -0.60 -6.43 1.93
C LEU E 25 -2.02 -5.97 2.21
N LYS E 26 -2.82 -6.87 2.78
CA LYS E 26 -4.19 -6.57 3.19
C LYS E 26 -4.31 -6.35 4.69
N MET E 27 -3.58 -7.12 5.51
CA MET E 27 -3.65 -6.93 6.95
C MET E 27 -2.31 -7.29 7.58
N LEU E 28 -1.93 -6.55 8.62
CA LEU E 28 -0.73 -6.86 9.40
C LEU E 28 -1.10 -6.85 10.88
N VAL E 29 -0.83 -7.95 11.56
CA VAL E 29 -1.22 -8.09 12.97
C VAL E 29 0.01 -8.43 13.80
N LEU E 30 0.23 -7.66 14.86
CA LEU E 30 1.24 -7.96 15.86
C LEU E 30 0.60 -8.86 16.92
N PHE E 31 1.09 -10.09 17.04
CA PHE E 31 0.62 -11.02 18.04
C PHE E 31 1.81 -11.49 18.88
N GLY E 32 1.57 -12.49 19.71
CA GLY E 32 2.64 -12.99 20.56
C GLY E 32 2.80 -12.16 21.82
N SER E 33 3.97 -12.32 22.44
CA SER E 33 4.23 -11.63 23.71
C SER E 33 4.11 -10.13 23.57
N ARG E 34 4.49 -9.59 22.41
CA ARG E 34 4.48 -8.13 22.23
C ARG E 34 3.07 -7.58 22.27
N ALA E 35 2.07 -8.39 21.92
CA ALA E 35 0.68 -7.95 22.02
C ALA E 35 0.15 -8.10 23.44
N THR E 36 0.54 -9.17 24.14
CA THR E 36 0.06 -9.41 25.50
C THR E 36 0.58 -8.35 26.45
N GLY E 37 1.90 -8.13 26.46
CA GLY E 37 2.49 -7.12 27.32
C GLY E 37 3.83 -7.52 27.89
N ASN E 38 4.02 -8.82 28.12
CA ASN E 38 5.29 -9.33 28.65
C ASN E 38 6.46 -9.00 27.73
N ASN E 42 12.36 -9.27 26.50
CA ASN E 42 13.36 -9.02 25.47
C ASN E 42 13.49 -10.22 24.52
N SER E 43 12.46 -10.46 23.72
CA SER E 43 12.41 -11.66 22.86
C SER E 43 12.30 -11.31 21.38
N ASP E 44 11.45 -12.03 20.66
CA ASP E 44 11.23 -11.84 19.23
C ASP E 44 9.88 -11.18 18.97
N TRP E 45 9.71 -10.70 17.75
CA TRP E 45 8.48 -10.03 17.33
C TRP E 45 7.69 -10.95 16.40
N ASP E 46 6.42 -11.15 16.71
CA ASP E 46 5.57 -12.02 15.89
C ASP E 46 4.60 -11.17 15.09
N PHE E 47 4.58 -11.36 13.78
CA PHE E 47 3.71 -10.60 12.89
C PHE E 47 2.94 -11.58 12.01
N ALA E 48 1.65 -11.34 11.88
CA ALA E 48 0.77 -12.09 11.00
C ALA E 48 0.37 -11.19 9.84
N VAL E 49 0.45 -11.73 8.64
CA VAL E 49 0.17 -10.97 7.43
C VAL E 49 -0.97 -11.63 6.70
N LEU E 50 -1.83 -10.82 6.11
CA LEU E 50 -2.86 -11.30 5.21
C LEU E 50 -2.63 -10.63 3.87
N TYR E 51 -2.54 -11.45 2.81
CA TYR E 51 -2.22 -10.97 1.48
C TYR E 51 -3.46 -10.97 0.59
N ASP E 52 -3.47 -10.07 -0.39
CA ASP E 52 -4.45 -10.12 -1.46
C ASP E 52 -3.98 -11.18 -2.43
N GLU E 53 -4.66 -12.35 -2.42
CA GLU E 53 -4.18 -13.48 -3.21
C GLU E 53 -4.07 -13.14 -4.69
N GLU E 54 -5.01 -12.32 -5.21
CA GLU E 54 -4.94 -11.91 -6.61
C GLU E 54 -3.68 -11.09 -6.86
N LYS E 55 -3.50 -10.01 -6.11
CA LYS E 55 -2.33 -9.16 -6.29
C LYS E 55 -1.04 -9.93 -6.01
N TYR E 56 -1.06 -10.84 -5.04
CA TYR E 56 0.15 -11.57 -4.67
C TYR E 56 0.65 -12.43 -5.81
N ASN E 57 -0.27 -13.06 -6.57
CA ASN E 57 0.13 -13.90 -7.68
C ASN E 57 0.70 -13.08 -8.83
N LEU E 58 0.20 -11.88 -9.06
CA LEU E 58 0.81 -11.02 -10.07
C LEU E 58 2.21 -10.59 -9.64
N TYR E 59 2.38 -10.28 -8.35
CA TYR E 59 3.67 -9.81 -7.85
C TYR E 59 4.69 -10.93 -7.79
N ILE E 60 4.26 -12.15 -7.44
CA ILE E 60 5.19 -13.26 -7.32
C ILE E 60 5.73 -13.68 -8.68
N GLN E 61 5.06 -13.28 -9.76
CA GLN E 61 5.55 -13.60 -11.10
C GLN E 61 6.90 -12.91 -11.37
N ASN E 62 6.96 -11.60 -11.17
CA ASN E 62 8.17 -10.83 -11.41
C ASN E 62 9.19 -10.95 -10.27
N ASN E 63 8.79 -11.49 -9.13
CA ASN E 63 9.69 -11.63 -7.98
C ASN E 63 9.36 -12.93 -7.27
N PRO E 64 10.11 -14.01 -7.55
CA PRO E 64 9.70 -15.33 -7.06
C PRO E 64 9.93 -15.53 -5.57
N LEU E 65 10.87 -14.81 -4.96
CA LEU E 65 11.08 -14.97 -3.53
C LEU E 65 10.67 -13.71 -2.76
N ALA E 66 9.44 -13.23 -2.98
CA ALA E 66 9.03 -12.00 -2.31
C ALA E 66 8.69 -12.24 -0.85
N ALA E 67 8.29 -13.46 -0.50
CA ALA E 67 7.97 -13.75 0.89
C ALA E 67 9.18 -13.65 1.79
N PHE E 68 10.37 -13.97 1.25
CA PHE E 68 11.57 -13.99 2.05
C PHE E 68 12.12 -12.59 2.33
N VAL E 69 11.67 -11.56 1.62
CA VAL E 69 12.10 -10.20 1.94
C VAL E 69 11.20 -9.51 2.97
N ILE E 70 10.03 -10.09 3.28
CA ILE E 70 9.11 -9.44 4.21
C ILE E 70 9.75 -9.08 5.54
N PRO E 71 10.45 -9.98 6.24
CA PRO E 71 11.07 -9.58 7.53
C PRO E 71 12.05 -8.43 7.39
N GLY E 72 12.82 -8.39 6.31
CA GLY E 72 13.71 -7.25 6.08
C GLY E 72 12.96 -5.96 5.86
N ILE E 73 11.81 -6.03 5.19
CA ILE E 73 11.01 -4.83 4.94
C ILE E 73 10.47 -4.28 6.25
N LEU E 74 9.97 -5.16 7.13
CA LEU E 74 9.45 -4.70 8.40
C LEU E 74 10.57 -4.17 9.29
N GLY E 75 11.71 -4.85 9.32
CA GLY E 75 12.81 -4.41 10.16
C GLY E 75 13.31 -3.02 9.81
N GLU E 76 13.35 -2.71 8.51
CA GLU E 76 13.80 -1.38 8.09
C GLU E 76 12.78 -0.31 8.47
N ILE E 77 11.49 -0.64 8.36
CA ILE E 77 10.46 0.38 8.60
C ILE E 77 10.17 0.53 10.09
N PHE E 78 10.07 -0.58 10.81
CA PHE E 78 9.84 -0.51 12.25
C PHE E 78 11.12 -0.25 13.03
N LYS E 79 12.28 -0.25 12.36
CA LYS E 79 13.59 -0.10 13.00
C LYS E 79 13.75 -1.12 14.12
N ILE E 80 13.52 -2.38 13.78
CA ILE E 80 13.71 -3.50 14.70
C ILE E 80 14.60 -4.52 14.00
N ASN E 81 15.33 -5.30 14.80
CA ASN E 81 16.29 -6.24 14.25
C ASN E 81 15.59 -7.27 13.37
N SER E 82 15.93 -7.27 12.08
CA SER E 82 15.28 -8.18 11.15
C SER E 82 15.48 -9.64 11.54
N ASP E 83 16.54 -9.95 12.30
CA ASP E 83 16.79 -11.33 12.66
C ASP E 83 15.80 -11.84 13.71
N LYS E 84 15.13 -10.94 14.44
CA LYS E 84 14.18 -11.31 15.48
C LYS E 84 12.72 -11.08 15.06
N ILE E 85 12.41 -11.27 13.78
CA ILE E 85 11.09 -11.03 13.20
C ILE E 85 10.56 -12.35 12.67
N ASP E 86 9.41 -12.75 13.17
CA ASP E 86 8.74 -13.98 12.75
C ASP E 86 7.49 -13.62 11.98
N ILE E 87 7.25 -14.31 10.86
CA ILE E 87 6.12 -14.01 10.00
C ILE E 87 5.24 -15.25 9.89
N VAL E 88 3.95 -15.09 10.21
CA VAL E 88 2.94 -16.12 10.00
C VAL E 88 2.05 -15.66 8.88
N GLU E 89 1.94 -16.48 7.83
CA GLU E 89 1.10 -16.16 6.68
C GLU E 89 -0.28 -16.75 6.94
N LEU E 90 -1.25 -15.88 7.26
CA LEU E 90 -2.56 -16.37 7.67
C LEU E 90 -3.27 -17.19 6.58
N ASN E 91 -2.88 -17.02 5.32
CA ASN E 91 -3.50 -17.74 4.21
C ASN E 91 -3.19 -19.24 4.25
N HIS E 92 -2.08 -19.65 4.89
CA HIS E 92 -1.69 -21.05 4.99
C HIS E 92 -1.11 -21.27 6.38
N CYS E 93 -1.94 -21.17 7.41
CA CYS E 93 -1.52 -21.44 8.77
C CYS E 93 -2.53 -22.34 9.46
N SER E 94 -2.15 -22.88 10.61
CA SER E 94 -3.03 -23.80 11.30
C SER E 94 -4.17 -23.04 11.96
N LYS E 95 -5.29 -23.75 12.18
CA LYS E 95 -6.42 -23.13 12.85
C LYS E 95 -6.00 -22.62 14.22
N LEU E 96 -5.11 -23.35 14.88
CA LEU E 96 -4.70 -22.99 16.24
C LEU E 96 -3.90 -21.69 16.24
N ILE E 97 -3.00 -21.52 15.26
CA ILE E 97 -2.23 -20.27 15.19
C ILE E 97 -3.15 -19.12 14.85
N ALA E 98 -4.04 -19.31 13.87
CA ALA E 98 -4.98 -18.27 13.52
C ALA E 98 -5.80 -17.87 14.73
N HIS E 99 -6.20 -18.85 15.56
CA HIS E 99 -6.96 -18.57 16.76
C HIS E 99 -6.21 -17.59 17.66
N PHE E 100 -4.92 -17.84 17.90
CA PHE E 100 -4.20 -17.01 18.84
C PHE E 100 -3.88 -15.64 18.26
N VAL E 101 -3.71 -15.55 16.94
CA VAL E 101 -3.53 -14.24 16.33
C VAL E 101 -4.78 -13.39 16.55
N ALA E 102 -5.97 -13.98 16.37
CA ALA E 102 -7.20 -13.21 16.52
C ALA E 102 -7.46 -12.85 17.98
N ARG E 103 -7.20 -13.79 18.90
CA ARG E 103 -7.58 -13.60 20.29
C ARG E 103 -6.75 -12.53 20.99
N ASP E 104 -5.43 -12.57 20.84
CA ASP E 104 -4.59 -11.63 21.55
C ASP E 104 -3.95 -10.58 20.66
N GLY E 105 -3.94 -10.79 19.35
CA GLY E 105 -3.22 -9.90 18.45
C GLY E 105 -3.76 -8.48 18.48
N LYS E 106 -2.91 -7.55 18.06
CA LYS E 106 -3.28 -6.15 17.88
C LYS E 106 -3.06 -5.78 16.42
N VAL E 107 -4.06 -5.18 15.80
CA VAL E 107 -4.00 -4.91 14.37
C VAL E 107 -3.11 -3.69 14.12
N LEU E 108 -2.27 -3.77 13.09
CA LEU E 108 -1.37 -2.68 12.74
C LEU E 108 -1.66 -2.04 11.39
N TYR E 109 -2.30 -2.75 10.47
CA TYR E 109 -2.66 -2.22 9.18
C TYR E 109 -3.75 -3.10 8.60
N GLU E 110 -4.79 -2.47 8.03
CA GLU E 110 -5.84 -3.21 7.38
C GLU E 110 -6.37 -2.39 6.22
N GLU E 111 -6.80 -3.07 5.17
CA GLU E 111 -7.41 -2.42 4.01
C GLU E 111 -8.34 -3.43 3.35
N PRO E 112 -9.66 -3.29 3.54
CA PRO E 112 -10.39 -2.22 4.22
C PRO E 112 -10.30 -2.26 5.73
N GLY E 113 -11.05 -1.39 6.40
CA GLY E 113 -11.01 -1.27 7.85
C GLY E 113 -11.74 -2.35 8.62
N ASP E 114 -12.62 -3.11 7.96
CA ASP E 114 -13.30 -4.22 8.63
C ASP E 114 -12.72 -5.56 8.23
N GLU E 115 -11.39 -5.66 8.18
CA GLU E 115 -10.73 -6.90 7.77
C GLU E 115 -10.23 -7.72 8.96
N PHE E 116 -9.83 -7.05 10.05
CA PHE E 116 -9.43 -7.77 11.25
C PHE E 116 -10.64 -8.35 11.98
N ASP E 117 -11.72 -7.57 12.08
CA ASP E 117 -12.92 -8.06 12.74
C ASP E 117 -13.54 -9.22 11.99
N LYS E 118 -13.58 -9.13 10.66
CA LYS E 118 -14.05 -10.26 9.86
C LYS E 118 -13.13 -11.46 10.04
N PHE E 119 -11.82 -11.20 10.18
CA PHE E 119 -10.85 -12.28 10.42
C PHE E 119 -11.08 -12.95 11.77
N GLN E 120 -11.32 -12.15 12.82
CA GLN E 120 -11.60 -12.70 14.13
C GLN E 120 -12.80 -13.63 14.12
N GLN E 121 -13.90 -13.20 13.50
CA GLN E 121 -15.09 -14.05 13.55
C GLN E 121 -14.89 -15.35 12.79
N ARG E 122 -14.03 -15.34 11.77
CA ARG E 122 -13.85 -16.50 10.91
C ARG E 122 -12.88 -17.55 11.46
N VAL E 123 -11.97 -17.18 12.36
CA VAL E 123 -10.92 -18.09 12.78
C VAL E 123 -10.91 -18.37 14.28
N LEU E 124 -11.67 -17.62 15.07
CA LEU E 124 -11.71 -17.88 16.51
C LEU E 124 -12.30 -19.26 16.78
N LEU E 125 -11.83 -19.88 17.86
CA LEU E 125 -12.30 -21.19 18.28
C LEU E 125 -12.92 -21.09 19.67
N SER E 126 -13.94 -21.91 19.91
CA SER E 126 -14.53 -22.01 21.23
C SER E 126 -13.66 -22.87 22.14
N ASN E 127 -13.86 -22.73 23.45
CA ASN E 127 -13.13 -23.56 24.40
C ASN E 127 -13.41 -25.04 24.18
N THR E 128 -14.60 -25.38 23.67
CA THR E 128 -14.88 -26.78 23.38
C THR E 128 -14.04 -27.27 22.20
N GLU E 129 -13.84 -26.42 21.21
CA GLU E 129 -12.98 -26.80 20.09
C GLU E 129 -11.53 -26.89 20.55
N ILE E 130 -11.09 -25.95 21.39
CA ILE E 130 -9.71 -25.95 21.86
C ILE E 130 -9.43 -27.16 22.72
N LYS E 131 -10.34 -27.50 23.63
CA LYS E 131 -10.10 -28.68 24.46
C LYS E 131 -10.10 -29.96 23.63
N LYS E 132 -10.80 -29.98 22.50
CA LYS E 132 -10.77 -31.15 21.65
C LYS E 132 -9.40 -31.34 21.01
N ILE E 133 -8.76 -30.23 20.65
CA ILE E 133 -7.39 -30.25 20.13
C ILE E 133 -6.42 -30.69 21.21
N GLU E 134 -6.57 -30.15 22.42
CA GLU E 134 -5.68 -30.55 23.51
C GLU E 134 -5.77 -32.04 23.77
N LYS E 135 -6.94 -32.65 23.59
CA LYS E 135 -7.03 -34.08 23.82
C LYS E 135 -6.27 -34.86 22.74
N THR E 136 -6.39 -34.44 21.49
CA THR E 136 -5.70 -35.16 20.43
C THR E 136 -4.19 -35.07 20.59
N LYS E 137 -3.69 -33.92 21.02
CA LYS E 137 -2.26 -33.77 21.20
C LYS E 137 -1.76 -34.56 22.41
N LEU E 138 -2.52 -34.55 23.52
CA LEU E 138 -2.13 -35.35 24.68
C LEU E 138 -2.14 -36.83 24.36
N GLU E 139 -3.07 -37.28 23.50
CA GLU E 139 -3.08 -38.68 23.10
C GLU E 139 -1.85 -39.02 22.27
N ASN E 140 -1.37 -38.10 21.44
CA ASN E 140 -0.14 -38.36 20.71
C ASN E 140 1.07 -38.31 21.63
N ILE E 141 1.06 -37.41 22.61
CA ILE E 141 2.18 -37.32 23.54
C ILE E 141 2.25 -38.56 24.41
N GLU E 142 1.11 -39.02 24.92
CA GLU E 142 1.17 -40.22 25.74
C GLU E 142 1.52 -41.43 24.89
N ASN E 143 1.11 -41.45 23.62
CA ASN E 143 1.48 -42.56 22.75
C ASN E 143 2.98 -42.56 22.48
N PHE E 144 3.58 -41.37 22.35
CA PHE E 144 5.02 -41.27 22.20
C PHE E 144 5.72 -41.87 23.40
N LEU E 145 5.29 -41.46 24.60
CA LEU E 145 5.91 -41.93 25.83
C LEU E 145 5.77 -43.44 25.97
N GLN E 146 4.64 -44.00 25.55
CA GLN E 146 4.51 -45.46 25.63
C GLN E 146 5.45 -46.14 24.64
N ARG E 147 5.61 -45.59 23.44
CA ARG E 147 6.43 -46.23 22.42
C ARG E 147 7.92 -46.19 22.76
N TRP E 148 8.35 -45.17 23.48
CA TRP E 148 9.75 -44.97 23.84
C TRP E 148 10.10 -45.54 25.22
N GLY E 149 9.13 -46.09 25.94
CA GLY E 149 9.42 -46.71 27.22
C GLY E 149 9.94 -45.77 28.29
N VAL E 150 9.41 -44.56 28.33
CA VAL E 150 9.78 -43.61 29.37
C VAL E 150 8.52 -43.21 30.11
N PRO F 6 32.98 -3.18 24.64
CA PRO F 6 34.15 -3.26 25.52
C PRO F 6 35.49 -3.13 24.78
N THR F 7 36.46 -2.51 25.43
CA THR F 7 37.80 -2.34 24.85
C THR F 7 38.61 -3.63 24.97
N ILE F 8 39.63 -3.74 24.12
CA ILE F 8 40.51 -4.91 24.14
C ILE F 8 41.15 -5.07 25.52
N ALA F 9 41.56 -3.95 26.13
CA ALA F 9 42.08 -3.99 27.49
C ALA F 9 41.02 -4.47 28.47
N GLU F 10 39.77 -3.99 28.31
CA GLU F 10 38.70 -4.41 29.21
C GLU F 10 38.40 -5.90 29.06
N LEU F 11 38.37 -6.41 27.82
CA LEU F 11 38.14 -7.83 27.60
C LEU F 11 39.22 -8.67 28.28
N ARG F 12 40.47 -8.18 28.28
CA ARG F 12 41.57 -8.92 28.87
C ARG F 12 41.47 -8.96 30.39
N GLU F 13 40.97 -7.89 31.01
CA GLU F 13 40.85 -7.86 32.47
C GLU F 13 39.80 -8.84 32.96
N LEU F 14 38.65 -8.90 32.29
CA LEU F 14 37.60 -9.83 32.69
C LEU F 14 38.00 -11.27 32.42
N SER F 15 38.94 -11.50 31.49
CA SER F 15 39.31 -12.84 31.08
C SER F 15 40.03 -13.63 32.16
N LEU F 16 40.60 -12.97 33.17
CA LEU F 16 41.28 -13.71 34.22
C LEU F 16 40.32 -14.61 34.99
N ARG F 17 39.04 -14.22 35.04
CA ARG F 17 38.00 -15.00 35.72
C ARG F 17 37.46 -16.14 34.88
N LEU F 18 37.97 -16.32 33.65
CA LEU F 18 37.46 -17.39 32.78
C LEU F 18 37.93 -18.76 33.23
N LEU F 19 39.02 -18.85 34.01
CA LEU F 19 39.50 -20.14 34.46
C LEU F 19 38.48 -20.87 35.31
N THR F 20 37.67 -20.13 36.09
CA THR F 20 36.64 -20.76 36.91
C THR F 20 35.57 -21.43 36.06
N LYS F 21 35.02 -20.71 35.08
CA LYS F 21 33.93 -21.24 34.26
C LYS F 21 34.42 -22.16 33.14
N ILE F 22 35.64 -21.95 32.65
CA ILE F 22 36.24 -22.83 31.64
C ILE F 22 37.57 -23.34 32.18
N PRO F 23 37.59 -24.42 32.96
CA PRO F 23 38.85 -24.82 33.61
C PRO F 23 39.91 -25.33 32.63
N TYR F 24 39.52 -26.04 31.58
CA TYR F 24 40.49 -26.63 30.65
C TYR F 24 41.03 -25.64 29.63
N LEU F 25 40.64 -24.36 29.73
CA LEU F 25 41.05 -23.36 28.75
C LEU F 25 42.54 -23.04 28.88
N LYS F 26 43.27 -23.13 27.76
CA LYS F 26 44.68 -22.74 27.73
C LYS F 26 44.89 -21.37 27.08
N MET F 27 44.19 -21.06 26.00
CA MET F 27 44.31 -19.74 25.42
C MET F 27 43.03 -19.33 24.70
N LEU F 28 42.72 -18.03 24.75
CA LEU F 28 41.59 -17.42 24.07
C LEU F 28 42.05 -16.20 23.30
N VAL F 29 41.72 -16.17 22.01
CA VAL F 29 42.17 -15.12 21.09
C VAL F 29 40.95 -14.49 20.42
N LEU F 30 40.90 -13.16 20.43
CA LEU F 30 39.91 -12.41 19.66
C LEU F 30 40.50 -12.11 18.29
N PHE F 31 39.90 -12.66 17.24
CA PHE F 31 40.29 -12.37 15.88
C PHE F 31 39.07 -11.86 15.11
N GLY F 32 39.21 -11.73 13.79
CA GLY F 32 38.11 -11.25 12.99
C GLY F 32 38.04 -9.74 12.96
N SER F 33 36.85 -9.24 12.57
CA SER F 33 36.68 -7.80 12.36
C SER F 33 36.98 -6.99 13.62
N ARG F 34 36.65 -7.53 14.79
CA ARG F 34 36.85 -6.77 16.02
C ARG F 34 38.32 -6.60 16.35
N ALA F 35 39.15 -7.56 15.93
CA ALA F 35 40.60 -7.46 16.15
C ALA F 35 41.29 -6.62 15.09
N THR F 36 40.82 -6.71 13.84
CA THR F 36 41.48 -6.03 12.72
C THR F 36 41.45 -4.52 12.82
N GLY F 37 40.67 -3.95 13.74
CA GLY F 37 40.59 -2.51 13.87
C GLY F 37 39.45 -1.87 13.11
N ASN F 38 38.69 -2.64 12.34
CA ASN F 38 37.50 -2.17 11.64
C ASN F 38 36.31 -2.94 12.20
N ILE F 39 35.63 -2.34 13.18
CA ILE F 39 34.49 -2.98 13.83
C ILE F 39 33.38 -3.22 12.80
N ASP F 44 29.80 -9.19 14.21
CA ASP F 44 29.89 -10.30 15.15
C ASP F 44 31.29 -10.37 15.79
N TRP F 45 31.39 -11.14 16.87
CA TRP F 45 32.65 -11.35 17.59
C TRP F 45 33.19 -12.74 17.28
N ASP F 46 34.46 -12.80 16.89
CA ASP F 46 35.12 -14.06 16.58
C ASP F 46 36.07 -14.39 17.72
N PHE F 47 35.95 -15.61 18.26
CA PHE F 47 36.82 -16.05 19.34
C PHE F 47 37.41 -17.41 19.02
N ALA F 48 38.73 -17.54 19.19
CA ALA F 48 39.44 -18.79 19.03
C ALA F 48 39.93 -19.28 20.38
N VAL F 49 39.73 -20.55 20.65
CA VAL F 49 40.09 -21.17 21.92
C VAL F 49 41.04 -22.32 21.63
N LEU F 50 42.03 -22.51 22.50
CA LEU F 50 42.89 -23.67 22.47
C LEU F 50 42.73 -24.39 23.80
N TYR F 51 42.49 -25.68 23.75
CA TYR F 51 42.18 -26.46 24.94
C TYR F 51 43.38 -27.27 25.40
N ASP F 52 43.42 -27.58 26.70
CA ASP F 52 44.32 -28.57 27.25
C ASP F 52 43.71 -29.94 26.94
N GLU F 53 44.33 -30.68 26.03
CA GLU F 53 43.70 -31.92 25.55
C GLU F 53 43.48 -32.90 26.70
N GLU F 54 44.43 -32.98 27.64
CA GLU F 54 44.27 -33.87 28.79
C GLU F 54 43.10 -33.42 29.66
N LYS F 55 43.14 -32.18 30.14
CA LYS F 55 42.11 -31.69 31.04
C LYS F 55 40.73 -31.69 30.38
N TYR F 56 40.67 -31.40 29.08
CA TYR F 56 39.39 -31.35 28.37
C TYR F 56 38.73 -32.72 28.28
N ASN F 57 39.51 -33.79 28.14
CA ASN F 57 38.92 -35.12 28.02
C ASN F 57 38.28 -35.58 29.33
N LEU F 58 38.87 -35.21 30.47
CA LEU F 58 38.24 -35.55 31.75
C LEU F 58 36.93 -34.78 31.95
N TYR F 59 36.91 -33.51 31.55
CA TYR F 59 35.72 -32.69 31.71
C TYR F 59 34.61 -33.10 30.75
N ILE F 60 34.97 -33.57 29.55
CA ILE F 60 33.99 -33.94 28.53
C ILE F 60 33.24 -35.21 28.91
N GLN F 61 33.53 -35.76 30.10
CA GLN F 61 32.85 -36.96 30.58
C GLN F 61 31.69 -36.65 31.52
N ASN F 62 31.82 -35.63 32.35
CA ASN F 62 30.72 -35.13 33.16
C ASN F 62 29.96 -34.00 32.47
N ASN F 63 30.26 -33.74 31.20
CA ASN F 63 29.61 -32.68 30.42
C ASN F 63 29.83 -32.93 28.93
N PRO F 64 29.04 -33.82 28.31
CA PRO F 64 29.32 -34.19 26.91
C PRO F 64 29.21 -33.07 25.90
N LEU F 65 28.44 -32.03 26.19
CA LEU F 65 28.30 -30.93 25.23
C LEU F 65 28.87 -29.63 25.78
N ALA F 66 30.10 -29.67 26.28
CA ALA F 66 30.69 -28.47 26.86
C ALA F 66 31.10 -27.48 25.79
N ALA F 67 31.36 -27.96 24.57
CA ALA F 67 31.70 -27.06 23.49
C ALA F 67 30.53 -26.14 23.13
N PHE F 68 29.30 -26.63 23.27
CA PHE F 68 28.11 -25.86 22.93
C PHE F 68 27.76 -24.81 23.98
N VAL F 69 28.35 -24.92 25.18
CA VAL F 69 28.13 -23.92 26.22
C VAL F 69 29.15 -22.80 26.16
N ILE F 70 30.24 -22.97 25.40
CA ILE F 70 31.31 -21.96 25.35
C ILE F 70 30.77 -20.56 24.98
N PRO F 71 30.01 -20.38 23.89
CA PRO F 71 29.56 -19.01 23.56
C PRO F 71 28.77 -18.33 24.67
N GLY F 72 27.93 -19.07 25.38
CA GLY F 72 27.18 -18.49 26.49
C GLY F 72 28.08 -18.06 27.63
N ILE F 73 29.14 -18.82 27.90
CA ILE F 73 30.03 -18.47 29.01
C ILE F 73 30.75 -17.17 28.73
N LEU F 74 31.22 -16.98 27.49
CA LEU F 74 31.88 -15.73 27.14
C LEU F 74 30.89 -14.57 27.14
N GLY F 75 29.68 -14.78 26.62
CA GLY F 75 28.70 -13.71 26.55
C GLY F 75 28.28 -13.20 27.92
N GLU F 76 28.14 -14.11 28.89
CA GLU F 76 27.74 -13.69 30.23
C GLU F 76 28.82 -12.87 30.90
N ILE F 77 30.08 -13.22 30.65
CA ILE F 77 31.18 -12.52 31.32
C ILE F 77 31.55 -11.26 30.55
N PHE F 78 31.62 -11.34 29.22
CA PHE F 78 31.96 -10.19 28.40
C PHE F 78 30.80 -9.24 28.16
N LYS F 79 29.58 -9.59 28.61
CA LYS F 79 28.40 -8.77 28.37
C LYS F 79 28.24 -8.44 26.89
N ILE F 80 28.22 -9.49 26.07
CA ILE F 80 27.97 -9.38 24.64
C ILE F 80 26.89 -10.39 24.26
N ASN F 81 26.14 -10.08 23.20
CA ASN F 81 25.03 -10.92 22.77
C ASN F 81 25.51 -12.32 22.36
N SER F 82 25.14 -13.33 23.13
CA SER F 82 25.61 -14.69 22.90
C SER F 82 25.22 -15.21 21.51
N ASP F 83 24.20 -14.64 20.88
CA ASP F 83 23.80 -15.12 19.57
C ASP F 83 24.76 -14.69 18.47
N LYS F 84 25.55 -13.63 18.68
CA LYS F 84 26.49 -13.11 17.69
C LYS F 84 27.95 -13.44 18.00
N ILE F 85 28.20 -14.61 18.57
CA ILE F 85 29.54 -15.02 18.99
C ILE F 85 29.91 -16.30 18.25
N ASP F 86 31.06 -16.27 17.56
CA ASP F 86 31.55 -17.42 16.82
C ASP F 86 32.77 -17.98 17.54
N ILE F 87 32.84 -19.31 17.63
CA ILE F 87 33.90 -20.01 18.35
C ILE F 87 34.62 -20.95 17.40
N VAL F 88 35.93 -20.79 17.29
CA VAL F 88 36.79 -21.69 16.54
C VAL F 88 37.65 -22.48 17.54
N GLU F 89 37.60 -23.80 17.44
CA GLU F 89 38.37 -24.68 18.32
C GLU F 89 39.72 -24.94 17.64
N LEU F 90 40.77 -24.28 18.13
CA LEU F 90 42.07 -24.33 17.48
C LEU F 90 42.68 -25.71 17.47
N ASN F 91 42.24 -26.62 18.35
CA ASN F 91 42.83 -27.95 18.39
C ASN F 91 42.51 -28.77 17.15
N HIS F 92 41.38 -28.49 16.48
CA HIS F 92 40.96 -29.24 15.30
C HIS F 92 40.28 -28.29 14.31
N CYS F 93 41.07 -27.41 13.72
CA CYS F 93 40.59 -26.49 12.69
C CYS F 93 41.55 -26.51 11.52
N SER F 94 41.15 -25.87 10.42
CA SER F 94 41.97 -25.88 9.20
C SER F 94 43.19 -24.97 9.36
N LYS F 95 44.23 -25.29 8.59
CA LYS F 95 45.44 -24.47 8.63
C LYS F 95 45.14 -23.04 8.24
N LEU F 96 44.20 -22.83 7.33
CA LEU F 96 43.89 -21.49 6.87
C LEU F 96 43.25 -20.66 7.98
N ILE F 97 42.34 -21.26 8.73
CA ILE F 97 41.73 -20.53 9.86
C ILE F 97 42.76 -20.26 10.93
N ALA F 98 43.62 -21.23 11.21
CA ALA F 98 44.67 -21.00 12.20
C ALA F 98 45.57 -19.85 11.77
N HIS F 99 45.88 -19.77 10.47
CA HIS F 99 46.74 -18.69 9.99
C HIS F 99 46.16 -17.32 10.31
N PHE F 100 44.88 -17.11 10.00
CA PHE F 100 44.31 -15.79 10.20
C PHE F 100 44.12 -15.48 11.69
N VAL F 101 43.88 -16.49 12.51
CA VAL F 101 43.81 -16.28 13.96
C VAL F 101 45.15 -15.77 14.48
N ALA F 102 46.26 -16.33 13.99
CA ALA F 102 47.57 -15.92 14.46
C ALA F 102 47.96 -14.56 13.90
N ARG F 103 47.66 -14.31 12.63
CA ARG F 103 48.16 -13.10 11.96
C ARG F 103 47.50 -11.85 12.51
N ASP F 104 46.18 -11.85 12.68
CA ASP F 104 45.46 -10.66 13.12
C ASP F 104 44.91 -10.75 14.53
N GLY F 105 44.82 -11.94 15.10
CA GLY F 105 44.20 -12.09 16.40
C GLY F 105 44.95 -11.35 17.49
N LYS F 106 44.22 -11.02 18.54
CA LYS F 106 44.78 -10.44 19.75
C LYS F 106 44.50 -11.39 20.91
N VAL F 107 45.54 -11.71 21.66
CA VAL F 107 45.43 -12.74 22.69
C VAL F 107 44.71 -12.16 23.90
N LEU F 108 43.82 -12.97 24.50
CA LEU F 108 43.08 -12.56 25.69
C LEU F 108 43.41 -13.36 26.93
N TYR F 109 43.91 -14.58 26.80
CA TYR F 109 44.32 -15.39 27.95
C TYR F 109 45.27 -16.46 27.46
N GLU F 110 46.37 -16.66 28.18
CA GLU F 110 47.32 -17.69 27.83
C GLU F 110 47.99 -18.21 29.10
N GLU F 111 48.38 -19.48 29.08
CA GLU F 111 49.11 -20.07 30.20
C GLU F 111 50.01 -21.22 29.75
N ASP F 114 54.09 -17.31 27.27
CA ASP F 114 54.64 -17.42 25.93
C ASP F 114 53.93 -18.52 25.14
N GLU F 115 52.59 -18.52 25.22
CA GLU F 115 51.77 -19.55 24.57
C GLU F 115 51.18 -19.10 23.23
N PHE F 116 50.87 -17.81 23.08
CA PHE F 116 50.37 -17.32 21.80
C PHE F 116 51.48 -17.23 20.76
N ASP F 117 52.68 -16.80 21.16
CA ASP F 117 53.81 -16.75 20.24
C ASP F 117 54.17 -18.14 19.74
N LYS F 118 54.13 -19.13 20.64
CA LYS F 118 54.36 -20.51 20.19
C LYS F 118 53.30 -20.92 19.18
N PHE F 119 52.05 -20.49 19.40
CA PHE F 119 50.97 -20.77 18.46
C PHE F 119 51.17 -20.03 17.13
N GLN F 120 51.59 -18.77 17.19
CA GLN F 120 51.88 -18.03 15.97
C GLN F 120 52.95 -18.72 15.13
N GLN F 121 54.07 -19.10 15.76
CA GLN F 121 55.18 -19.68 15.00
C GLN F 121 54.81 -21.02 14.41
N ARG F 122 53.88 -21.74 15.03
CA ARG F 122 53.53 -23.09 14.62
C ARG F 122 52.50 -23.16 13.49
N VAL F 123 51.71 -22.11 13.27
CA VAL F 123 50.62 -22.18 12.30
C VAL F 123 50.66 -21.08 11.24
N LEU F 124 51.51 -20.07 11.39
CA LEU F 124 51.54 -19.03 10.36
C LEU F 124 51.97 -19.62 9.02
N LEU F 125 51.48 -19.03 7.94
CA LEU F 125 51.79 -19.46 6.59
C LEU F 125 52.49 -18.35 5.82
N SER F 126 53.42 -18.73 4.95
CA SER F 126 54.07 -17.77 4.07
C SER F 126 53.16 -17.43 2.87
N ASN F 127 53.48 -16.32 2.21
CA ASN F 127 52.72 -15.95 1.02
C ASN F 127 52.82 -17.03 -0.04
N THR F 128 53.93 -17.75 -0.09
CA THR F 128 54.05 -18.81 -1.07
C THR F 128 53.09 -19.95 -0.76
N GLU F 129 52.91 -20.24 0.53
CA GLU F 129 51.96 -21.27 0.94
C GLU F 129 50.52 -20.81 0.69
N ILE F 130 50.22 -19.54 0.97
CA ILE F 130 48.88 -19.02 0.76
C ILE F 130 48.55 -18.97 -0.72
N LYS F 131 49.48 -18.46 -1.53
CA LYS F 131 49.22 -18.41 -2.97
C LYS F 131 49.09 -19.81 -3.54
N LYS F 132 49.73 -20.80 -2.92
CA LYS F 132 49.54 -22.17 -3.35
C LYS F 132 48.14 -22.67 -3.00
N ILE F 133 47.64 -22.32 -1.81
CA ILE F 133 46.29 -22.70 -1.45
C ILE F 133 45.27 -22.00 -2.34
N GLU F 134 45.42 -20.69 -2.50
CA GLU F 134 44.45 -19.98 -3.33
C GLU F 134 44.46 -20.46 -4.78
N LYS F 135 45.61 -20.91 -5.29
CA LYS F 135 45.61 -21.47 -6.63
C LYS F 135 44.85 -22.80 -6.65
N THR F 136 44.95 -23.59 -5.58
CA THR F 136 44.23 -24.85 -5.52
C THR F 136 42.72 -24.62 -5.51
N LYS F 137 42.26 -23.59 -4.80
CA LYS F 137 40.84 -23.32 -4.72
C LYS F 137 40.30 -22.77 -6.05
N LEU F 138 41.08 -21.94 -6.74
CA LEU F 138 40.64 -21.47 -8.04
C LEU F 138 40.45 -22.62 -9.02
N GLU F 139 41.23 -23.70 -8.87
CA GLU F 139 41.05 -24.86 -9.72
C GLU F 139 39.72 -25.56 -9.44
N ASN F 140 39.31 -25.62 -8.16
CA ASN F 140 38.01 -26.23 -7.86
C ASN F 140 36.85 -25.37 -8.33
N ILE F 141 37.02 -24.05 -8.26
CA ILE F 141 35.99 -23.13 -8.71
C ILE F 141 35.83 -23.20 -10.22
N GLU F 142 36.96 -23.25 -10.96
CA GLU F 142 36.88 -23.33 -12.41
C GLU F 142 36.32 -24.66 -12.87
N ASN F 143 36.59 -25.74 -12.15
CA ASN F 143 36.00 -27.03 -12.51
C ASN F 143 34.51 -27.01 -12.29
N PHE F 144 34.07 -26.33 -11.23
CA PHE F 144 32.64 -26.17 -11.01
C PHE F 144 32.00 -25.43 -12.15
N LEU F 145 32.59 -24.29 -12.53
CA LEU F 145 32.05 -23.48 -13.60
C LEU F 145 32.04 -24.26 -14.91
N GLN F 146 33.05 -25.08 -15.12
CA GLN F 146 33.07 -25.90 -16.32
C GLN F 146 32.02 -27.00 -16.27
N ARG F 147 31.88 -27.66 -15.11
CA ARG F 147 30.97 -28.79 -15.05
C ARG F 147 29.52 -28.33 -15.20
N TRP F 148 29.24 -27.09 -14.83
CA TRP F 148 27.91 -26.50 -14.87
C TRP F 148 27.63 -25.67 -16.12
N GLY F 149 28.61 -25.48 -16.99
CA GLY F 149 28.35 -24.78 -18.24
C GLY F 149 27.93 -23.34 -18.05
N VAL F 150 28.54 -22.63 -17.11
CA VAL F 150 28.23 -21.22 -16.90
C VAL F 150 29.46 -20.32 -17.06
N LYS G 4 -16.66 -1.90 -23.57
CA LYS G 4 -15.26 -2.30 -23.55
C LYS G 4 -14.35 -1.07 -23.49
N ILE G 5 -13.18 -1.22 -22.89
CA ILE G 5 -12.20 -0.14 -22.77
C ILE G 5 -11.12 -0.38 -23.81
N PRO G 6 -10.92 0.54 -24.76
CA PRO G 6 -9.99 0.25 -25.86
C PRO G 6 -8.53 0.30 -25.41
N THR G 7 -7.73 -0.59 -26.00
CA THR G 7 -6.32 -0.67 -25.70
C THR G 7 -5.56 0.42 -26.44
N ILE G 8 -4.35 0.72 -25.96
CA ILE G 8 -3.53 1.71 -26.63
C ILE G 8 -3.24 1.29 -28.07
N ALA G 9 -3.02 0.00 -28.30
CA ALA G 9 -2.85 -0.47 -29.67
C ALA G 9 -4.10 -0.21 -30.50
N GLU G 10 -5.28 -0.44 -29.92
CA GLU G 10 -6.50 -0.17 -30.65
C GLU G 10 -6.65 1.32 -30.95
N LEU G 11 -6.34 2.16 -29.96
CA LEU G 11 -6.42 3.61 -30.18
C LEU G 11 -5.51 4.06 -31.30
N ARG G 12 -4.33 3.44 -31.41
CA ARG G 12 -3.39 3.88 -32.44
C ARG G 12 -3.92 3.60 -33.83
N GLU G 13 -4.62 2.47 -34.02
CA GLU G 13 -5.24 2.20 -35.30
C GLU G 13 -6.43 3.13 -35.51
N LEU G 14 -7.24 3.33 -34.46
CA LEU G 14 -8.42 4.17 -34.59
C LEU G 14 -8.08 5.63 -34.85
N SER G 15 -6.89 6.09 -34.45
CA SER G 15 -6.58 7.51 -34.58
C SER G 15 -6.50 7.95 -36.05
N LEU G 16 -6.27 7.00 -36.96
CA LEU G 16 -6.20 7.35 -38.38
C LEU G 16 -7.53 7.89 -38.89
N ARG G 17 -8.63 7.55 -38.22
CA ARG G 17 -9.96 8.01 -38.64
C ARG G 17 -10.28 9.41 -38.18
N LEU G 18 -9.39 10.07 -37.42
CA LEU G 18 -9.66 11.42 -36.95
C LEU G 18 -9.40 12.48 -38.01
N LEU G 19 -8.61 12.16 -39.03
CA LEU G 19 -8.22 13.19 -40.00
C LEU G 19 -9.42 13.78 -40.74
N THR G 20 -10.43 12.97 -41.02
CA THR G 20 -11.61 13.51 -41.72
C THR G 20 -12.31 14.54 -40.86
N LYS G 21 -12.58 14.20 -39.59
CA LYS G 21 -13.29 15.14 -38.73
C LYS G 21 -12.37 16.22 -38.17
N ILE G 22 -11.08 15.93 -38.02
CA ILE G 22 -10.12 16.93 -37.57
C ILE G 22 -8.99 17.00 -38.59
N PRO G 23 -9.14 17.80 -39.65
CA PRO G 23 -8.12 17.78 -40.72
C PRO G 23 -6.79 18.36 -40.26
N TYR G 24 -6.81 19.35 -39.39
CA TYR G 24 -5.62 20.08 -38.96
C TYR G 24 -4.80 19.33 -37.91
N LEU G 25 -5.18 18.11 -37.57
CA LEU G 25 -4.48 17.37 -36.52
C LEU G 25 -3.10 16.91 -36.97
N LYS G 26 -2.09 17.27 -36.19
CA LYS G 26 -0.73 16.79 -36.42
C LYS G 26 -0.30 15.73 -35.43
N MET G 27 -0.72 15.83 -34.16
CA MET G 27 -0.34 14.88 -33.13
C MET G 27 -1.43 14.74 -32.07
N LEU G 28 -1.59 13.51 -31.56
CA LEU G 28 -2.51 13.21 -30.47
C LEU G 28 -1.78 12.35 -29.44
N VAL G 29 -1.77 12.80 -28.18
CA VAL G 29 -1.03 12.13 -27.11
C VAL G 29 -1.97 11.79 -25.97
N LEU G 30 -1.92 10.55 -25.52
CA LEU G 30 -2.64 10.11 -24.33
C LEU G 30 -1.73 10.33 -23.13
N PHE G 31 -2.11 11.24 -22.24
CA PHE G 31 -1.31 11.47 -21.04
C PHE G 31 -2.18 11.26 -19.81
N GLY G 32 -1.63 11.59 -18.65
CA GLY G 32 -2.37 11.44 -17.43
C GLY G 32 -2.34 10.02 -16.92
N SER G 33 -3.28 9.74 -16.02
CA SER G 33 -3.28 8.47 -15.29
C SER G 33 -3.35 7.27 -16.24
N ARG G 34 -4.09 7.38 -17.33
CA ARG G 34 -4.22 6.25 -18.22
C ARG G 34 -2.91 5.96 -18.96
N ALA G 35 -2.06 6.97 -19.13
CA ALA G 35 -0.78 6.69 -19.78
C ALA G 35 0.24 6.11 -18.80
N THR G 36 0.30 6.67 -17.58
CA THR G 36 1.26 6.18 -16.60
C THR G 36 0.89 4.79 -16.09
N GLY G 37 -0.39 4.43 -16.12
CA GLY G 37 -0.86 3.18 -15.58
C GLY G 37 -1.59 3.28 -14.25
N ASN G 38 -1.70 4.49 -13.70
CA ASN G 38 -2.42 4.73 -12.44
C ASN G 38 -3.92 4.89 -12.69
N ILE G 39 -4.52 3.85 -13.24
CA ILE G 39 -5.93 3.90 -13.61
C ILE G 39 -6.76 3.20 -12.53
N ASN G 40 -7.98 3.71 -12.34
CA ASN G 40 -8.99 3.01 -11.55
C ASN G 40 -10.26 2.97 -12.41
N ALA G 41 -11.41 2.81 -11.75
CA ALA G 41 -12.65 2.66 -12.50
C ALA G 41 -13.12 3.98 -13.09
N ASN G 42 -13.23 5.01 -12.26
CA ASN G 42 -13.73 6.31 -12.72
C ASN G 42 -12.59 7.25 -13.12
N SER G 43 -11.56 6.71 -13.76
CA SER G 43 -10.48 7.53 -14.31
C SER G 43 -10.92 8.07 -15.67
N ASP G 44 -10.98 9.39 -15.80
CA ASP G 44 -11.30 10.01 -17.07
C ASP G 44 -10.10 9.91 -18.03
N TRP G 45 -10.33 10.23 -19.30
CA TRP G 45 -9.30 10.14 -20.32
C TRP G 45 -8.73 11.53 -20.62
N ASP G 46 -7.40 11.64 -20.60
CA ASP G 46 -6.70 12.87 -20.89
C ASP G 46 -6.05 12.78 -22.26
N PHE G 47 -6.31 13.77 -23.12
CA PHE G 47 -5.73 13.80 -24.45
C PHE G 47 -5.11 15.15 -24.73
N ALA G 48 -3.92 15.14 -25.32
CA ALA G 48 -3.25 16.35 -25.79
C ALA G 48 -3.24 16.29 -27.31
N VAL G 49 -3.62 17.40 -27.95
CA VAL G 49 -3.73 17.51 -29.41
C VAL G 49 -2.80 18.62 -29.88
N LEU G 50 -2.16 18.41 -31.02
CA LEU G 50 -1.33 19.40 -31.67
C LEU G 50 -1.86 19.67 -33.08
N TYR G 51 -2.09 20.92 -33.39
CA TYR G 51 -2.69 21.28 -34.67
C TYR G 51 -1.62 21.84 -35.60
N ASP G 52 -1.85 21.65 -36.90
CA ASP G 52 -1.05 22.30 -37.94
C ASP G 52 -1.53 23.74 -38.10
N GLU G 53 -0.67 24.70 -37.77
CA GLU G 53 -1.08 26.10 -37.78
C GLU G 53 -1.62 26.54 -39.14
N GLU G 54 -1.04 26.02 -40.23
CA GLU G 54 -1.51 26.38 -41.57
C GLU G 54 -2.93 25.91 -41.81
N LYS G 55 -3.18 24.60 -41.66
CA LYS G 55 -4.51 24.06 -41.89
C LYS G 55 -5.53 24.62 -40.90
N TYR G 56 -5.10 24.91 -39.67
CA TYR G 56 -6.00 25.41 -38.65
C TYR G 56 -6.61 26.75 -39.01
N ASN G 57 -5.88 27.58 -39.76
CA ASN G 57 -6.42 28.88 -40.15
C ASN G 57 -7.64 28.73 -41.05
N LEU G 58 -7.67 27.70 -41.90
CA LEU G 58 -8.85 27.45 -42.72
C LEU G 58 -10.03 27.00 -41.86
N TYR G 59 -9.77 26.12 -40.90
CA TYR G 59 -10.84 25.61 -40.04
C TYR G 59 -11.28 26.63 -39.00
N ILE G 60 -10.38 27.50 -38.52
CA ILE G 60 -10.73 28.43 -37.46
C ILE G 60 -11.72 29.49 -37.93
N GLN G 61 -11.72 29.82 -39.22
CA GLN G 61 -12.70 30.77 -39.73
C GLN G 61 -14.11 30.17 -39.76
N ASN G 62 -14.22 28.88 -40.08
CA ASN G 62 -15.54 28.29 -40.26
C ASN G 62 -16.24 28.04 -38.92
N ASN G 63 -15.49 27.65 -37.89
CA ASN G 63 -16.07 27.27 -36.61
C ASN G 63 -15.51 28.15 -35.49
N PRO G 64 -16.37 28.80 -34.70
CA PRO G 64 -15.85 29.72 -33.68
C PRO G 64 -15.27 29.02 -32.45
N LEU G 65 -15.98 28.02 -31.92
CA LEU G 65 -15.57 27.31 -30.71
C LEU G 65 -15.48 25.81 -31.01
N ALA G 66 -14.67 25.46 -32.00
CA ALA G 66 -14.57 24.07 -32.44
C ALA G 66 -13.82 23.21 -31.42
N ALA G 67 -13.05 23.84 -30.53
CA ALA G 67 -12.33 23.06 -29.52
C ALA G 67 -13.28 22.28 -28.62
N PHE G 68 -14.48 22.80 -28.40
CA PHE G 68 -15.42 22.12 -27.52
C PHE G 68 -16.06 20.90 -28.16
N VAL G 69 -16.00 20.77 -29.49
CA VAL G 69 -16.58 19.60 -30.14
C VAL G 69 -15.58 18.46 -30.26
N ILE G 70 -14.30 18.72 -30.00
CA ILE G 70 -13.30 17.64 -30.07
C ILE G 70 -13.66 16.47 -29.15
N PRO G 71 -14.02 16.68 -27.87
CA PRO G 71 -14.34 15.52 -27.01
C PRO G 71 -15.43 14.62 -27.58
N GLY G 72 -16.43 15.19 -28.25
CA GLY G 72 -17.42 14.35 -28.90
C GLY G 72 -16.85 13.53 -30.05
N ILE G 73 -15.95 14.15 -30.84
CA ILE G 73 -15.39 13.45 -32.00
C ILE G 73 -14.53 12.28 -31.57
N LEU G 74 -13.69 12.48 -30.55
CA LEU G 74 -12.87 11.37 -30.05
C LEU G 74 -13.75 10.29 -29.45
N GLY G 75 -14.82 10.71 -28.75
CA GLY G 75 -15.71 9.73 -28.16
C GLY G 75 -16.42 8.88 -29.20
N GLU G 76 -16.82 9.50 -30.31
CA GLU G 76 -17.53 8.74 -31.33
C GLU G 76 -16.60 7.72 -32.00
N ILE G 77 -15.35 8.12 -32.23
CA ILE G 77 -14.44 7.24 -32.95
C ILE G 77 -13.79 6.22 -32.04
N PHE G 78 -13.36 6.62 -30.83
CA PHE G 78 -12.77 5.67 -29.90
C PHE G 78 -13.80 4.85 -29.15
N LYS G 79 -15.08 5.20 -29.27
CA LYS G 79 -16.16 4.57 -28.51
C LYS G 79 -15.89 4.60 -27.01
N ILE G 80 -15.63 5.81 -26.50
CA ILE G 80 -15.49 6.06 -25.08
C ILE G 80 -16.36 7.26 -24.71
N ASN G 81 -16.78 7.31 -23.44
CA ASN G 81 -17.70 8.35 -22.97
C ASN G 81 -17.11 9.76 -23.06
N SER G 82 -17.69 10.58 -23.95
CA SER G 82 -17.21 11.94 -24.19
C SER G 82 -17.29 12.84 -22.96
N ASP G 83 -18.12 12.50 -21.98
CA ASP G 83 -18.18 13.34 -20.80
C ASP G 83 -16.96 13.13 -19.91
N LYS G 84 -16.23 12.03 -20.09
CA LYS G 84 -15.05 11.74 -19.30
C LYS G 84 -13.77 11.97 -20.11
N ILE G 85 -13.78 12.95 -21.01
CA ILE G 85 -12.64 13.21 -21.90
C ILE G 85 -12.15 14.62 -21.68
N ASP G 86 -10.87 14.77 -21.38
CA ASP G 86 -10.24 16.07 -21.22
C ASP G 86 -9.27 16.33 -22.38
N ILE G 87 -9.30 17.55 -22.92
CA ILE G 87 -8.50 17.94 -24.07
C ILE G 87 -7.64 19.14 -23.70
N VAL G 88 -6.33 19.01 -23.89
CA VAL G 88 -5.40 20.13 -23.74
C VAL G 88 -4.80 20.41 -25.11
N GLU G 89 -4.92 21.65 -25.57
CA GLU G 89 -4.42 22.06 -26.88
C GLU G 89 -2.98 22.53 -26.74
N LEU G 90 -2.04 21.69 -27.20
CA LEU G 90 -0.62 21.95 -27.01
C LEU G 90 -0.12 23.20 -27.72
N ASN G 91 -0.84 23.70 -28.73
CA ASN G 91 -0.34 24.84 -29.48
C ASN G 91 -0.31 26.12 -28.64
N HIS G 92 -1.16 26.22 -27.62
CA HIS G 92 -1.22 27.41 -26.76
C HIS G 92 -1.57 26.96 -25.34
N CYS G 93 -0.63 26.27 -24.69
CA CYS G 93 -0.81 25.82 -23.31
C CYS G 93 0.42 26.19 -22.50
N SER G 94 0.34 25.94 -21.19
CA SER G 94 1.43 26.33 -20.31
C SER G 94 2.63 25.41 -20.50
N LYS G 95 3.80 25.94 -20.15
CA LYS G 95 5.02 25.14 -20.23
C LYS G 95 4.96 23.93 -19.30
N LEU G 96 4.32 24.08 -18.13
CA LEU G 96 4.30 23.00 -17.14
C LEU G 96 3.49 21.81 -17.62
N ILE G 97 2.30 22.04 -18.19
CA ILE G 97 1.51 20.91 -18.65
C ILE G 97 2.17 20.26 -19.86
N ALA G 98 2.73 21.06 -20.77
CA ALA G 98 3.43 20.50 -21.91
C ALA G 98 4.55 19.57 -21.49
N HIS G 99 5.29 19.94 -20.44
CA HIS G 99 6.37 19.09 -19.94
C HIS G 99 5.83 17.72 -19.54
N PHE G 100 4.73 17.70 -18.78
CA PHE G 100 4.24 16.42 -18.27
C PHE G 100 3.61 15.58 -19.37
N VAL G 101 3.02 16.22 -20.38
CA VAL G 101 2.56 15.44 -21.52
C VAL G 101 3.77 14.79 -22.21
N ALA G 102 4.88 15.52 -22.32
CA ALA G 102 6.03 14.93 -23.00
C ALA G 102 6.65 13.83 -22.17
N ARG G 103 6.77 14.03 -20.86
CA ARG G 103 7.52 13.08 -20.04
C ARG G 103 6.75 11.77 -19.88
N ASP G 104 5.42 11.84 -19.67
CA ASP G 104 4.63 10.65 -19.41
C ASP G 104 3.71 10.25 -20.56
N GLY G 105 3.44 11.14 -21.49
CA GLY G 105 2.46 10.85 -22.52
C GLY G 105 2.87 9.71 -23.43
N LYS G 106 1.86 9.08 -24.02
CA LYS G 106 2.07 8.05 -25.03
C LYS G 106 1.41 8.51 -26.32
N VAL G 107 2.15 8.47 -27.40
CA VAL G 107 1.66 9.04 -28.66
C VAL G 107 0.67 8.08 -29.29
N LEU G 108 -0.40 8.65 -29.86
CA LEU G 108 -1.43 7.88 -30.56
C LEU G 108 -1.49 8.19 -32.05
N TYR G 109 -0.97 9.34 -32.49
CA TYR G 109 -0.97 9.69 -33.90
C TYR G 109 0.14 10.71 -34.16
N GLU G 110 0.85 10.55 -35.29
CA GLU G 110 1.94 11.43 -35.69
C GLU G 110 1.94 11.64 -37.20
N GLU G 111 2.19 12.87 -37.63
CA GLU G 111 2.39 13.25 -39.04
C GLU G 111 3.11 14.60 -39.06
N PRO G 112 4.42 14.65 -39.35
CA PRO G 112 5.38 13.62 -39.78
C PRO G 112 5.66 12.52 -38.75
N GLY G 113 6.46 11.53 -39.16
CA GLY G 113 6.67 10.36 -38.33
C GLY G 113 7.42 10.62 -37.04
N ASP G 114 8.34 11.59 -37.05
CA ASP G 114 9.16 11.89 -35.87
C ASP G 114 8.70 13.19 -35.20
N GLU G 115 7.40 13.34 -35.00
CA GLU G 115 6.83 14.59 -34.49
C GLU G 115 6.67 14.60 -32.99
N PHE G 116 6.50 13.44 -32.36
CA PHE G 116 6.43 13.37 -30.89
C PHE G 116 7.79 13.63 -30.27
N ASP G 117 8.84 13.08 -30.89
CA ASP G 117 10.19 13.33 -30.39
C ASP G 117 10.55 14.80 -30.51
N LYS G 118 10.20 15.44 -31.62
CA LYS G 118 10.46 16.86 -31.76
C LYS G 118 9.71 17.64 -30.68
N PHE G 119 8.49 17.21 -30.36
CA PHE G 119 7.72 17.88 -29.32
C PHE G 119 8.38 17.73 -27.96
N GLN G 120 8.89 16.54 -27.65
CA GLN G 120 9.59 16.31 -26.39
C GLN G 120 10.79 17.24 -26.24
N GLN G 121 11.65 17.32 -27.27
CA GLN G 121 12.88 18.10 -27.15
C GLN G 121 12.59 19.58 -26.98
N ARG G 122 11.46 20.04 -27.49
CA ARG G 122 11.13 21.46 -27.48
C ARG G 122 10.47 21.91 -26.18
N VAL G 123 9.86 21.00 -25.41
CA VAL G 123 9.07 21.38 -24.24
C VAL G 123 9.52 20.70 -22.95
N LEU G 124 10.42 19.71 -22.99
CA LEU G 124 10.88 19.10 -21.74
C LEU G 124 11.64 20.11 -20.91
N LEU G 125 11.55 19.95 -19.60
CA LEU G 125 12.24 20.81 -18.66
C LEU G 125 13.25 19.99 -17.86
N SER G 126 14.38 20.61 -17.55
CA SER G 126 15.34 19.95 -16.70
C SER G 126 14.86 20.02 -15.25
N ASN G 127 15.44 19.16 -14.41
CA ASN G 127 15.09 19.18 -13.00
C ASN G 127 15.39 20.54 -12.39
N THR G 128 16.34 21.27 -12.94
CA THR G 128 16.65 22.61 -12.44
C THR G 128 15.55 23.60 -12.78
N GLU G 129 14.95 23.50 -13.96
CA GLU G 129 13.90 24.44 -14.31
C GLU G 129 12.66 24.21 -13.46
N ILE G 130 12.29 22.95 -13.25
CA ILE G 130 11.09 22.65 -12.45
C ILE G 130 11.32 23.07 -11.00
N LYS G 131 12.50 22.78 -10.45
CA LYS G 131 12.80 23.16 -9.08
C LYS G 131 12.74 24.67 -8.86
N LYS G 132 12.91 25.45 -9.92
CA LYS G 132 12.68 26.89 -9.80
C LYS G 132 11.19 27.19 -9.72
N ILE G 133 10.38 26.44 -10.46
CA ILE G 133 8.93 26.60 -10.41
C ILE G 133 8.40 26.21 -9.03
N GLU G 134 8.88 25.09 -8.50
CA GLU G 134 8.48 24.70 -7.15
C GLU G 134 8.87 25.74 -6.13
N LYS G 135 10.02 26.39 -6.32
CA LYS G 135 10.43 27.40 -5.34
C LYS G 135 9.52 28.60 -5.38
N THR G 136 9.14 29.05 -6.58
CA THR G 136 8.23 30.19 -6.67
C THR G 136 6.87 29.85 -6.07
N LYS G 137 6.38 28.64 -6.33
CA LYS G 137 5.05 28.30 -5.81
C LYS G 137 5.07 28.12 -4.30
N LEU G 138 6.10 27.44 -3.78
CA LEU G 138 6.20 27.27 -2.35
C LEU G 138 6.33 28.60 -1.63
N GLU G 139 6.96 29.59 -2.27
CA GLU G 139 7.02 30.92 -1.68
C GLU G 139 5.64 31.55 -1.62
N ASN G 140 4.82 31.35 -2.65
CA ASN G 140 3.48 31.90 -2.60
C ASN G 140 2.59 31.16 -1.62
N ILE G 141 2.80 29.84 -1.46
CA ILE G 141 2.00 29.08 -0.52
C ILE G 141 2.34 29.49 0.91
N GLU G 142 3.64 29.61 1.21
CA GLU G 142 4.04 29.97 2.56
C GLU G 142 3.62 31.40 2.87
N ASN G 143 3.60 32.28 1.87
CA ASN G 143 3.13 33.63 2.09
C ASN G 143 1.64 33.64 2.42
N PHE G 144 0.86 32.77 1.75
CA PHE G 144 -0.54 32.67 2.10
C PHE G 144 -0.72 32.17 3.53
N LEU G 145 -0.05 31.09 3.88
CA LEU G 145 -0.19 30.54 5.23
C LEU G 145 0.26 31.53 6.29
N GLN G 146 1.27 32.34 6.00
CA GLN G 146 1.65 33.35 6.97
C GLN G 146 0.55 34.40 7.12
N ARG G 147 -0.05 34.82 6.00
CA ARG G 147 -1.04 35.88 6.05
C ARG G 147 -2.33 35.45 6.72
N TRP G 148 -2.69 34.18 6.59
CA TRP G 148 -3.95 33.69 7.15
C TRP G 148 -3.79 33.11 8.54
N GLY G 149 -2.56 33.01 9.04
CA GLY G 149 -2.32 32.56 10.40
C GLY G 149 -2.69 31.13 10.69
N VAL G 150 -2.41 30.22 9.77
CA VAL G 150 -2.69 28.80 10.04
C VAL G 150 -1.45 27.92 9.92
N ILE H 5 -26.37 -3.16 -6.79
CA ILE H 5 -27.48 -2.22 -6.81
C ILE H 5 -28.61 -2.75 -5.94
N PRO H 6 -28.81 -2.11 -4.79
CA PRO H 6 -29.77 -2.63 -3.81
C PRO H 6 -31.22 -2.39 -4.20
N THR H 7 -32.06 -3.35 -3.81
CA THR H 7 -33.49 -3.28 -4.04
C THR H 7 -34.16 -2.34 -3.03
N ILE H 8 -35.35 -1.88 -3.38
CA ILE H 8 -36.10 -0.99 -2.49
C ILE H 8 -36.30 -1.65 -1.13
N ALA H 9 -36.60 -2.95 -1.12
CA ALA H 9 -36.71 -3.69 0.14
C ALA H 9 -35.37 -3.71 0.89
N GLU H 10 -34.27 -3.90 0.17
CA GLU H 10 -32.96 -3.95 0.82
C GLU H 10 -32.60 -2.63 1.49
N LEU H 11 -32.88 -1.51 0.84
CA LEU H 11 -32.61 -0.21 1.46
C LEU H 11 -33.40 -0.02 2.75
N ARG H 12 -34.62 -0.56 2.82
CA ARG H 12 -35.48 -0.33 3.99
C ARG H 12 -34.90 -0.98 5.25
N GLU H 13 -34.24 -2.14 5.12
CA GLU H 13 -33.64 -2.76 6.29
C GLU H 13 -32.44 -1.95 6.79
N LEU H 14 -31.59 -1.48 5.86
CA LEU H 14 -30.40 -0.74 6.25
C LEU H 14 -30.73 0.63 6.82
N SER H 15 -31.90 1.18 6.51
CA SER H 15 -32.21 2.55 6.89
C SER H 15 -32.25 2.76 8.39
N LEU H 16 -32.45 1.69 9.17
CA LEU H 16 -32.46 1.83 10.62
C LEU H 16 -31.11 2.28 11.15
N ARG H 17 -30.03 1.99 10.44
CA ARG H 17 -28.69 2.34 10.90
C ARG H 17 -28.31 3.79 10.63
N LEU H 18 -29.18 4.56 9.97
CA LEU H 18 -28.87 5.96 9.72
C LEU H 18 -29.03 6.82 10.97
N LEU H 19 -29.87 6.37 11.90
CA LEU H 19 -30.19 7.14 13.09
C LEU H 19 -28.95 7.43 13.93
N THR H 20 -27.99 6.50 13.95
CA THR H 20 -26.77 6.76 14.70
C THR H 20 -26.03 7.95 14.10
N LYS H 21 -25.79 7.92 12.78
CA LYS H 21 -25.07 8.99 12.11
C LYS H 21 -25.98 10.18 11.78
N ILE H 22 -27.28 9.96 11.60
CA ILE H 22 -28.22 11.04 11.33
C ILE H 22 -29.34 10.99 12.37
N PRO H 23 -29.15 11.57 13.55
CA PRO H 23 -30.19 11.44 14.60
C PRO H 23 -31.46 12.19 14.29
N TYR H 24 -31.36 13.32 13.61
CA TYR H 24 -32.51 14.18 13.33
C TYR H 24 -33.39 13.65 12.19
N LEU H 25 -33.06 12.51 11.60
CA LEU H 25 -33.83 12.01 10.46
C LEU H 25 -35.22 11.54 10.92
N LYS H 26 -36.26 12.11 10.31
CA LYS H 26 -37.65 11.69 10.52
C LYS H 26 -38.21 10.88 9.37
N MET H 27 -37.82 11.20 8.12
CA MET H 27 -38.30 10.47 6.97
C MET H 27 -37.24 10.45 5.87
N LEU H 28 -37.14 9.31 5.18
CA LEU H 28 -36.28 9.16 4.00
C LEU H 28 -37.11 8.51 2.91
N VAL H 29 -37.17 9.17 1.75
CA VAL H 29 -38.00 8.72 0.63
C VAL H 29 -37.13 8.59 -0.61
N LEU H 30 -37.23 7.46 -1.30
CA LEU H 30 -36.58 7.29 -2.59
C LEU H 30 -37.55 7.72 -3.69
N PHE H 31 -37.23 8.81 -4.39
CA PHE H 31 -38.04 9.28 -5.50
C PHE H 31 -37.19 9.40 -6.76
N GLY H 32 -37.77 10.00 -7.79
CA GLY H 32 -37.07 10.19 -9.04
C GLY H 32 -37.15 8.96 -9.93
N SER H 33 -36.24 8.93 -10.91
CA SER H 33 -36.25 7.86 -11.90
C SER H 33 -36.11 6.48 -11.25
N ARG H 34 -35.35 6.39 -10.16
CA ARG H 34 -35.11 5.10 -9.53
C ARG H 34 -36.38 4.53 -8.92
N ALA H 35 -37.35 5.37 -8.54
CA ALA H 35 -38.61 4.84 -8.03
C ALA H 35 -39.56 4.47 -9.16
N THR H 36 -39.61 5.25 -10.23
CA THR H 36 -40.53 5.04 -11.35
C THR H 36 -40.22 3.76 -12.13
N ALA H 41 -29.11 3.83 -16.51
CA ALA H 41 -27.68 3.60 -16.70
C ALA H 41 -26.84 4.64 -15.97
N ASN H 42 -26.79 5.84 -16.55
CA ASN H 42 -26.15 6.99 -15.91
C ASN H 42 -27.16 7.84 -15.15
N SER H 43 -27.96 7.19 -14.31
CA SER H 43 -29.03 7.83 -13.55
C SER H 43 -28.64 7.93 -12.08
N ASP H 44 -28.88 9.10 -11.50
CA ASP H 44 -28.54 9.38 -10.10
C ASP H 44 -29.64 8.90 -9.15
N TRP H 45 -29.32 8.89 -7.86
CA TRP H 45 -30.27 8.47 -6.83
C TRP H 45 -30.81 9.71 -6.12
N ASP H 46 -32.13 9.82 -6.06
CA ASP H 46 -32.79 10.96 -5.43
C ASP H 46 -33.42 10.56 -4.10
N PHE H 47 -33.10 11.34 -3.06
CA PHE H 47 -33.58 11.09 -1.70
C PHE H 47 -34.13 12.38 -1.12
N ALA H 48 -35.29 12.29 -0.49
CA ALA H 48 -35.91 13.41 0.21
C ALA H 48 -35.87 13.14 1.70
N VAL H 49 -35.49 14.17 2.47
CA VAL H 49 -35.36 14.02 3.91
C VAL H 49 -36.26 15.04 4.61
N LEU H 50 -36.87 14.60 5.70
CA LEU H 50 -37.57 15.48 6.62
C LEU H 50 -36.90 15.29 7.97
N TYR H 51 -36.51 16.40 8.60
CA TYR H 51 -35.76 16.35 9.85
C TYR H 51 -36.65 16.71 11.04
N ASP H 52 -36.29 16.19 12.20
CA ASP H 52 -36.90 16.59 13.47
C ASP H 52 -36.35 17.94 13.88
N GLU H 53 -37.23 18.95 13.95
CA GLU H 53 -36.79 20.32 14.16
C GLU H 53 -35.92 20.47 15.41
N GLU H 54 -36.25 19.73 16.48
CA GLU H 54 -35.46 19.82 17.70
C GLU H 54 -34.03 19.34 17.49
N LYS H 55 -33.86 18.09 17.04
CA LYS H 55 -32.53 17.50 16.91
C LYS H 55 -31.66 18.24 15.90
N TYR H 56 -32.27 18.75 14.82
CA TYR H 56 -31.47 19.43 13.80
C TYR H 56 -30.82 20.70 14.34
N ASN H 57 -31.52 21.43 15.20
CA ASN H 57 -30.95 22.64 15.78
C ASN H 57 -29.79 22.31 16.71
N LEU H 58 -29.88 21.19 17.43
CA LEU H 58 -28.79 20.75 18.30
C LEU H 58 -27.56 20.36 17.48
N TYR H 59 -27.77 19.73 16.32
CA TYR H 59 -26.64 19.25 15.52
C TYR H 59 -25.81 20.40 14.97
N ILE H 60 -26.44 21.53 14.67
CA ILE H 60 -25.72 22.68 14.13
C ILE H 60 -24.80 23.30 15.18
N LEU H 65 -22.93 22.76 8.22
CA LEU H 65 -23.18 22.31 6.86
C LEU H 65 -23.52 20.82 6.81
N ALA H 66 -24.53 20.42 7.59
CA ALA H 66 -24.90 19.02 7.69
C ALA H 66 -25.67 18.51 6.49
N ALA H 67 -26.35 19.38 5.74
CA ALA H 67 -27.09 18.91 4.57
C ALA H 67 -26.17 18.30 3.54
N PHE H 68 -24.95 18.80 3.43
CA PHE H 68 -24.00 18.32 2.44
C PHE H 68 -23.31 17.02 2.86
N VAL H 69 -23.38 16.63 4.14
CA VAL H 69 -22.77 15.37 4.56
C VAL H 69 -23.69 14.18 4.43
N ILE H 70 -25.00 14.40 4.23
CA ILE H 70 -25.92 13.27 4.06
C ILE H 70 -25.50 12.36 2.91
N PRO H 71 -25.15 12.87 1.71
CA PRO H 71 -24.80 11.93 0.63
C PRO H 71 -23.65 11.01 1.01
N GLY H 72 -22.65 11.50 1.75
CA GLY H 72 -21.60 10.62 2.21
C GLY H 72 -22.12 9.58 3.20
N ILE H 73 -23.04 9.99 4.08
CA ILE H 73 -23.60 9.07 5.05
C ILE H 73 -24.48 8.03 4.37
N LEU H 74 -25.29 8.47 3.40
CA LEU H 74 -26.14 7.52 2.67
C LEU H 74 -25.30 6.59 1.81
N GLY H 75 -24.27 7.12 1.17
CA GLY H 75 -23.43 6.28 0.33
C GLY H 75 -22.69 5.22 1.13
N GLU H 76 -22.25 5.58 2.34
CA GLU H 76 -21.49 4.64 3.15
C GLU H 76 -22.35 3.47 3.60
N ILE H 77 -23.59 3.74 3.99
CA ILE H 77 -24.46 2.70 4.53
C ILE H 77 -25.22 1.96 3.43
N PHE H 78 -25.75 2.67 2.43
CA PHE H 78 -26.45 2.02 1.33
C PHE H 78 -25.51 1.42 0.30
N LYS H 79 -24.21 1.67 0.42
CA LYS H 79 -23.23 1.23 -0.57
C LYS H 79 -23.64 1.69 -1.97
N ILE H 80 -23.85 3.01 -2.10
CA ILE H 80 -24.14 3.61 -3.38
C ILE H 80 -23.17 4.78 -3.59
N ASN H 81 -22.87 5.07 -4.85
CA ASN H 81 -21.89 6.12 -5.13
C ASN H 81 -22.37 7.48 -4.66
N SER H 82 -21.75 8.03 -3.62
CA SER H 82 -22.18 9.30 -3.05
C SER H 82 -22.08 10.45 -4.05
N ASP H 83 -21.28 10.31 -5.11
CA ASP H 83 -21.22 11.38 -6.09
C ASP H 83 -22.47 11.42 -6.96
N LYS H 84 -23.21 10.32 -7.03
CA LYS H 84 -24.45 10.24 -7.79
C LYS H 84 -25.68 10.26 -6.89
N ILE H 85 -25.59 11.00 -5.78
CA ILE H 85 -26.66 11.06 -4.78
C ILE H 85 -27.10 12.50 -4.63
N ASP H 86 -28.38 12.75 -4.85
CA ASP H 86 -28.99 14.06 -4.68
C ASP H 86 -29.91 14.03 -3.47
N ILE H 87 -29.89 15.08 -2.65
CA ILE H 87 -30.66 15.16 -1.42
C ILE H 87 -31.59 16.36 -1.55
N VAL H 88 -32.90 16.13 -1.37
CA VAL H 88 -33.88 17.20 -1.37
C VAL H 88 -34.37 17.35 0.06
N GLU H 89 -34.23 18.54 0.63
CA GLU H 89 -34.62 18.77 2.02
C GLU H 89 -36.06 19.25 2.09
N LEU H 90 -36.96 18.34 2.47
CA LEU H 90 -38.39 18.64 2.47
C LEU H 90 -38.77 19.71 3.48
N ASN H 91 -37.93 19.98 4.48
CA ASN H 91 -38.31 20.98 5.48
C ASN H 91 -38.38 22.38 4.88
N HIS H 92 -37.62 22.65 3.80
CA HIS H 92 -37.65 23.96 3.16
C HIS H 92 -37.42 23.78 1.65
N CYS H 93 -38.40 23.20 0.95
CA CYS H 93 -38.30 23.02 -0.49
C CYS H 93 -39.57 23.54 -1.15
N SER H 94 -39.54 23.59 -2.47
CA SER H 94 -40.63 24.16 -3.24
C SER H 94 -41.85 23.23 -3.23
N LYS H 95 -43.03 23.83 -3.46
CA LYS H 95 -44.25 23.04 -3.54
C LYS H 95 -44.17 22.04 -4.69
N LEU H 96 -43.54 22.43 -5.80
CA LEU H 96 -43.48 21.55 -6.96
C LEU H 96 -42.61 20.33 -6.71
N ILE H 97 -41.46 20.51 -6.05
CA ILE H 97 -40.63 19.35 -5.76
C ILE H 97 -41.33 18.42 -4.77
N ALA H 98 -41.95 19.00 -3.73
CA ALA H 98 -42.67 18.20 -2.76
C ALA H 98 -43.77 17.37 -3.41
N HIS H 99 -44.48 17.97 -4.37
CA HIS H 99 -45.54 17.24 -5.08
C HIS H 99 -44.98 15.98 -5.72
N PHE H 100 -43.87 16.11 -6.45
CA PHE H 100 -43.34 14.96 -7.16
C PHE H 100 -42.68 13.96 -6.23
N VAL H 101 -42.12 14.43 -5.11
CA VAL H 101 -41.59 13.50 -4.11
C VAL H 101 -42.71 12.64 -3.55
N ALA H 102 -43.86 13.24 -3.27
CA ALA H 102 -44.96 12.50 -2.66
C ALA H 102 -45.64 11.57 -3.67
N ARG H 103 -45.81 12.03 -4.91
CA ARG H 103 -46.59 11.25 -5.87
C ARG H 103 -45.87 9.95 -6.24
N ASP H 104 -44.56 10.03 -6.50
CA ASP H 104 -43.83 8.88 -7.00
C ASP H 104 -42.90 8.24 -5.98
N GLY H 105 -42.53 8.94 -4.91
CA GLY H 105 -41.55 8.41 -4.00
C GLY H 105 -42.03 7.16 -3.28
N LYS H 106 -41.06 6.36 -2.86
CA LYS H 106 -41.28 5.20 -2.02
C LYS H 106 -40.55 5.42 -0.72
N VAL H 107 -41.24 5.26 0.40
CA VAL H 107 -40.68 5.59 1.71
C VAL H 107 -39.71 4.50 2.12
N LEU H 108 -38.60 4.92 2.75
CA LEU H 108 -37.59 4.00 3.24
C LEU H 108 -37.46 4.01 4.75
N TYR H 109 -37.89 5.08 5.41
CA TYR H 109 -37.80 5.21 6.86
C TYR H 109 -38.87 6.21 7.30
N GLU H 110 -39.57 5.89 8.38
CA GLU H 110 -40.64 6.74 8.89
C GLU H 110 -40.66 6.69 10.42
N GLU H 111 -41.07 7.80 11.01
CA GLU H 111 -41.22 7.90 12.47
C GLU H 111 -42.27 8.94 12.84
N ASP H 114 -46.09 6.21 10.10
CA ASP H 114 -47.08 6.74 9.18
C ASP H 114 -46.87 8.23 8.94
N GLU H 115 -45.61 8.62 8.66
CA GLU H 115 -45.23 10.00 8.45
C GLU H 115 -45.22 10.37 6.98
N PHE H 116 -45.03 9.38 6.10
CA PHE H 116 -45.09 9.61 4.66
C PHE H 116 -46.53 9.85 4.21
N ASP H 117 -47.49 9.10 4.77
CA ASP H 117 -48.89 9.26 4.38
C ASP H 117 -49.42 10.64 4.73
N LYS H 118 -49.12 11.13 5.93
CA LYS H 118 -49.49 12.50 6.28
C LYS H 118 -48.78 13.50 5.37
N PHE H 119 -47.53 13.21 4.99
CA PHE H 119 -46.78 14.07 4.08
C PHE H 119 -47.41 14.10 2.69
N GLN H 120 -47.84 12.94 2.17
CA GLN H 120 -48.50 12.92 0.86
C GLN H 120 -49.71 13.84 0.85
N GLN H 121 -50.59 13.68 1.83
CA GLN H 121 -51.82 14.45 1.92
C GLN H 121 -51.54 15.93 2.14
N ARG H 122 -50.37 16.26 2.67
CA ARG H 122 -50.08 17.63 3.03
C ARG H 122 -49.55 18.44 1.85
N VAL H 123 -48.96 17.80 0.84
CA VAL H 123 -48.24 18.54 -0.20
C VAL H 123 -48.68 18.23 -1.63
N LEU H 124 -49.53 17.22 -1.81
CA LEU H 124 -50.02 16.91 -3.14
C LEU H 124 -50.82 18.07 -3.72
N LEU H 125 -50.76 18.20 -5.05
CA LEU H 125 -51.50 19.21 -5.78
C LEU H 125 -52.50 18.57 -6.72
N SER H 126 -53.64 19.25 -6.92
CA SER H 126 -54.61 18.83 -7.91
C SER H 126 -54.15 19.26 -9.31
N ASN H 127 -54.71 18.62 -10.33
CA ASN H 127 -54.39 19.00 -11.70
C ASN H 127 -54.75 20.45 -11.98
N THR H 128 -55.74 21.00 -11.28
CA THR H 128 -56.06 22.41 -11.52
C THR H 128 -54.94 23.30 -10.98
N GLU H 129 -54.33 22.92 -9.86
CA GLU H 129 -53.23 23.72 -9.31
C GLU H 129 -52.00 23.62 -10.20
N ILE H 130 -51.67 22.41 -10.68
CA ILE H 130 -50.48 22.22 -11.50
C ILE H 130 -50.63 22.94 -12.84
N LYS H 131 -51.79 22.77 -13.49
CA LYS H 131 -51.97 23.44 -14.76
C LYS H 131 -51.99 24.96 -14.61
N LYS H 132 -52.37 25.47 -13.43
CA LYS H 132 -52.28 26.90 -13.22
C LYS H 132 -50.84 27.35 -13.13
N ILE H 133 -49.98 26.53 -12.50
CA ILE H 133 -48.55 26.82 -12.45
C ILE H 133 -47.95 26.74 -13.85
N GLU H 134 -48.33 25.72 -14.63
CA GLU H 134 -47.84 25.61 -16.00
C GLU H 134 -48.25 26.82 -16.82
N LYS H 135 -49.42 27.41 -16.55
CA LYS H 135 -49.81 28.60 -17.28
C LYS H 135 -48.95 29.79 -16.90
N THR H 136 -48.61 29.93 -15.62
CA THR H 136 -47.78 31.05 -15.20
C THR H 136 -46.41 30.99 -15.85
N LYS H 137 -45.84 29.78 -15.94
CA LYS H 137 -44.49 29.64 -16.49
C LYS H 137 -44.49 29.88 -18.00
N LEU H 138 -45.48 29.33 -18.71
CA LEU H 138 -45.57 29.55 -20.15
C LEU H 138 -45.76 31.03 -20.49
N GLU H 139 -46.44 31.79 -19.64
CA GLU H 139 -46.57 33.21 -19.91
C GLU H 139 -45.22 33.91 -19.74
N ASN H 140 -44.44 33.51 -18.74
CA ASN H 140 -43.12 34.10 -18.54
C ASN H 140 -42.12 33.63 -19.58
N ILE H 141 -42.26 32.40 -20.08
CA ILE H 141 -41.39 31.93 -21.15
C ILE H 141 -41.66 32.68 -22.44
N GLU H 142 -42.94 32.87 -22.78
CA GLU H 142 -43.29 33.60 -23.99
C GLU H 142 -42.94 35.08 -23.88
N ASN H 143 -43.05 35.67 -22.70
CA ASN H 143 -42.67 37.08 -22.56
C ASN H 143 -41.18 37.25 -22.79
N PHE H 144 -40.38 36.28 -22.34
CA PHE H 144 -38.94 36.32 -22.62
C PHE H 144 -38.69 36.26 -24.13
N LEU H 145 -39.31 35.31 -24.82
CA LEU H 145 -39.07 35.16 -26.25
C LEU H 145 -39.49 36.41 -27.03
N GLN H 146 -40.55 37.09 -26.59
CA GLN H 146 -40.96 38.31 -27.27
C GLN H 146 -39.92 39.42 -27.08
N ARG H 147 -39.35 39.52 -25.88
CA ARG H 147 -38.39 40.59 -25.61
C ARG H 147 -37.08 40.38 -26.36
N TRP H 148 -36.75 39.14 -26.69
CA TRP H 148 -35.53 38.81 -27.42
C TRP H 148 -35.76 38.66 -28.91
N GLY H 149 -37.01 38.76 -29.37
CA GLY H 149 -37.33 38.74 -30.79
C GLY H 149 -37.01 37.44 -31.50
N VAL H 150 -37.25 36.31 -30.84
CA VAL H 150 -37.08 35.00 -31.45
C VAL H 150 -38.36 34.17 -31.30
#